data_4A4K
#
_entry.id   4A4K
#
_cell.length_a   230.463
_cell.length_b   123.139
_cell.length_c   153.201
_cell.angle_alpha   90.00
_cell.angle_beta   131.05
_cell.angle_gamma   90.00
#
_symmetry.space_group_name_H-M   'C 1 2 1'
#
loop_
_entity.id
_entity.type
_entity.pdbx_description
1 polymer 'ANTIVIRAL HELICASE SKI2'
2 non-polymer 'ZINC ION'
#
_entity_poly.entity_id   1
_entity_poly.type   'polypeptide(L)'
_entity_poly.pdbx_seq_one_letter_code
;GPDSMKETLQPEHEKQIKVLQEELQTIEYKSCEICDNDIEKFLELMLAYKEATVNLMQEMVKSPSILHILKEGRLVAFRD
PNDCLKLGFVFKVSLKDAVCVIMTFTKPYKLPNGEPNHLIYFPKADGYRRRNFPKFQKTDFYMEEVPVTAIEVITKRKFA
APLGKVIKKDVAALNEFNAETNNILDGKTLKEAINIEKQGLKIHQILLDRTNIRDEIFKLKSIKCPNLSQHIVPKFKAHV
IKKKIEELYHLMSDQN
;
_entity_poly.pdbx_strand_id   A,C,E,G,I
#
# COMPACT_ATOMS: atom_id res chain seq x y z
N THR A 8 -0.28 1.54 1.98
CA THR A 8 0.90 0.84 1.46
C THR A 8 2.11 1.77 1.43
N LEU A 9 3.29 1.20 1.64
CA LEU A 9 4.53 1.97 1.64
C LEU A 9 4.97 2.35 0.24
N GLN A 10 4.28 1.80 -0.76
CA GLN A 10 4.61 2.07 -2.16
C GLN A 10 3.36 2.34 -2.98
N PRO A 11 2.72 3.51 -2.78
CA PRO A 11 1.51 3.90 -3.49
C PRO A 11 1.74 4.04 -5.00
N GLU A 12 2.72 4.83 -5.39
CA GLU A 12 3.02 5.07 -6.80
C GLU A 12 3.26 3.76 -7.55
N HIS A 13 4.17 2.94 -7.04
CA HIS A 13 4.48 1.66 -7.64
C HIS A 13 3.21 0.87 -7.89
N GLU A 14 2.37 0.74 -6.86
CA GLU A 14 1.11 0.02 -6.97
C GLU A 14 0.24 0.59 -8.08
N LYS A 15 0.05 1.91 -8.06
CA LYS A 15 -0.77 2.58 -9.06
C LYS A 15 -0.31 2.24 -10.48
N GLN A 16 0.95 2.55 -10.77
CA GLN A 16 1.49 2.33 -12.11
C GLN A 16 1.45 0.86 -12.52
N ILE A 17 1.67 -0.04 -11.56
CA ILE A 17 1.60 -1.48 -11.83
C ILE A 17 0.18 -1.89 -12.22
N LYS A 18 -0.80 -1.43 -11.45
CA LYS A 18 -2.20 -1.68 -11.77
C LYS A 18 -2.51 -1.17 -13.17
N VAL A 19 -2.07 0.04 -13.46
CA VAL A 19 -2.30 0.65 -14.76
C VAL A 19 -1.74 -0.22 -15.89
N LEU A 20 -0.46 -0.59 -15.77
CA LEU A 20 0.20 -1.41 -16.78
C LEU A 20 -0.47 -2.77 -16.95
N GLN A 21 -0.96 -3.32 -15.84
CA GLN A 21 -1.67 -4.60 -15.89
C GLN A 21 -2.97 -4.47 -16.67
N GLU A 22 -3.76 -3.47 -16.32
CA GLU A 22 -5.02 -3.20 -17.01
C GLU A 22 -4.77 -3.01 -18.50
N GLU A 23 -3.84 -2.11 -18.83
CA GLU A 23 -3.50 -1.85 -20.23
C GLU A 23 -3.00 -3.11 -20.92
N LEU A 24 -2.41 -4.02 -20.14
CA LEU A 24 -1.89 -5.26 -20.68
C LEU A 24 -3.01 -6.23 -21.05
N GLN A 25 -4.01 -6.33 -20.18
CA GLN A 25 -5.12 -7.25 -20.40
C GLN A 25 -6.21 -6.65 -21.29
N THR A 26 -6.07 -5.37 -21.63
CA THR A 26 -7.02 -4.71 -22.51
C THR A 26 -6.51 -4.71 -23.96
N ILE A 27 -5.69 -5.68 -24.29
CA ILE A 27 -5.16 -5.81 -25.64
C ILE A 27 -5.88 -6.91 -26.41
N GLU A 28 -6.31 -6.58 -27.63
CA GLU A 28 -7.03 -7.54 -28.47
C GLU A 28 -6.06 -8.27 -29.40
N TYR A 29 -6.17 -9.60 -29.43
CA TYR A 29 -5.31 -10.42 -30.27
C TYR A 29 -6.11 -11.04 -31.43
N LYS A 30 -5.83 -10.59 -32.64
CA LYS A 30 -6.50 -11.12 -33.82
C LYS A 30 -6.01 -12.52 -34.13
N SER A 31 -6.94 -13.43 -34.41
CA SER A 31 -6.59 -14.82 -34.69
C SER A 31 -6.06 -14.99 -36.11
N CYS A 32 -5.15 -15.95 -36.27
CA CYS A 32 -4.60 -16.26 -37.59
C CYS A 32 -4.25 -17.74 -37.70
N GLU A 33 -4.60 -18.34 -38.83
CA GLU A 33 -4.29 -19.75 -39.08
C GLU A 33 -2.87 -19.94 -39.58
N ILE A 34 -2.01 -18.96 -39.33
CA ILE A 34 -0.63 -19.02 -39.76
C ILE A 34 0.31 -18.36 -38.75
N CYS A 35 -0.23 -17.96 -37.61
CA CYS A 35 0.57 -17.32 -36.57
C CYS A 35 0.25 -17.88 -35.18
N ASP A 36 -0.94 -18.45 -35.04
CA ASP A 36 -1.36 -19.00 -33.75
C ASP A 36 -0.49 -20.18 -33.32
N ASN A 37 0.29 -20.71 -34.24
CA ASN A 37 1.14 -21.86 -33.96
C ASN A 37 2.54 -21.49 -33.47
N ASP A 38 3.20 -20.57 -34.16
CA ASP A 38 4.55 -20.16 -33.79
C ASP A 38 4.83 -18.69 -34.12
N ILE A 39 4.30 -17.79 -33.30
CA ILE A 39 4.54 -16.36 -33.50
C ILE A 39 5.38 -15.79 -32.35
N GLU A 40 5.22 -16.35 -31.16
CA GLU A 40 5.97 -15.90 -30.00
C GLU A 40 7.46 -16.19 -30.16
N LYS A 41 7.77 -17.39 -30.61
CA LYS A 41 9.15 -17.77 -30.88
C LYS A 41 9.75 -16.82 -31.91
N PHE A 42 8.93 -16.45 -32.89
CA PHE A 42 9.35 -15.50 -33.91
C PHE A 42 9.67 -14.15 -33.27
N LEU A 43 8.90 -13.78 -32.26
CA LEU A 43 9.08 -12.51 -31.57
C LEU A 43 10.39 -12.49 -30.76
N GLU A 44 10.56 -13.49 -29.90
CA GLU A 44 11.76 -13.57 -29.07
C GLU A 44 13.02 -13.72 -29.92
N LEU A 45 12.94 -14.54 -30.97
CA LEU A 45 14.06 -14.72 -31.88
C LEU A 45 14.36 -13.43 -32.63
N MET A 46 13.31 -12.68 -32.96
CA MET A 46 13.47 -11.40 -33.63
C MET A 46 14.20 -10.41 -32.73
N LEU A 47 13.77 -10.33 -31.48
CA LEU A 47 14.41 -9.46 -30.51
C LEU A 47 15.85 -9.87 -30.30
N ALA A 48 16.10 -11.18 -30.32
CA ALA A 48 17.46 -11.70 -30.21
C ALA A 48 18.31 -11.24 -31.38
N TYR A 49 17.71 -11.24 -32.56
CA TYR A 49 18.38 -10.77 -33.78
C TYR A 49 18.74 -9.29 -33.62
N LYS A 50 17.77 -8.50 -33.20
CA LYS A 50 17.97 -7.07 -33.00
C LYS A 50 19.11 -6.81 -32.02
N GLU A 51 19.07 -7.49 -30.87
CA GLU A 51 20.12 -7.35 -29.87
C GLU A 51 21.48 -7.71 -30.45
N ALA A 52 21.53 -8.82 -31.17
CA ALA A 52 22.75 -9.28 -31.82
C ALA A 52 23.31 -8.19 -32.74
N THR A 53 22.41 -7.54 -33.47
CA THR A 53 22.80 -6.45 -34.36
C THR A 53 23.37 -5.27 -33.57
N VAL A 54 22.70 -4.95 -32.46
CA VAL A 54 23.14 -3.86 -31.58
C VAL A 54 24.56 -4.11 -31.09
N ASN A 55 24.79 -5.26 -30.47
CA ASN A 55 26.12 -5.63 -30.00
C ASN A 55 27.13 -5.61 -31.14
N LEU A 56 26.70 -6.09 -32.31
CA LEU A 56 27.53 -6.10 -33.50
C LEU A 56 28.04 -4.71 -33.81
N MET A 57 27.13 -3.73 -33.81
CA MET A 57 27.48 -2.36 -34.09
C MET A 57 28.36 -1.77 -32.97
N GLN A 58 28.11 -2.22 -31.75
CA GLN A 58 28.90 -1.78 -30.60
C GLN A 58 30.35 -2.21 -30.74
N GLU A 59 30.56 -3.41 -31.26
CA GLU A 59 31.90 -3.94 -31.46
C GLU A 59 32.55 -3.40 -32.73
N MET A 60 31.72 -3.05 -33.71
CA MET A 60 32.22 -2.54 -34.99
C MET A 60 32.75 -1.12 -34.87
N VAL A 61 32.08 -0.29 -34.06
CA VAL A 61 32.45 1.10 -33.89
C VAL A 61 33.82 1.24 -33.23
N LYS A 62 34.28 0.16 -32.59
CA LYS A 62 35.58 0.17 -31.92
C LYS A 62 36.71 0.29 -32.93
N SER A 63 36.70 -0.57 -33.94
CA SER A 63 37.73 -0.57 -34.96
C SER A 63 37.48 0.51 -36.00
N PRO A 64 38.49 1.34 -36.29
CA PRO A 64 38.40 2.43 -37.27
C PRO A 64 37.98 1.93 -38.65
N SER A 65 38.10 0.62 -38.87
CA SER A 65 37.72 0.03 -40.14
C SER A 65 36.26 0.34 -40.49
N ILE A 66 35.48 0.68 -39.47
CA ILE A 66 34.07 1.02 -39.66
C ILE A 66 33.91 2.20 -40.63
N LEU A 67 34.91 3.07 -40.65
CA LEU A 67 34.89 4.22 -41.54
C LEU A 67 34.89 3.79 -43.01
N HIS A 68 35.53 2.65 -43.29
CA HIS A 68 35.54 2.10 -44.64
C HIS A 68 34.23 1.38 -44.95
N ILE A 69 33.47 1.08 -43.91
CA ILE A 69 32.18 0.42 -44.07
C ILE A 69 31.08 1.46 -44.24
N LEU A 70 31.20 2.57 -43.51
CA LEU A 70 30.23 3.65 -43.59
C LEU A 70 30.83 4.88 -44.28
N LYS A 71 31.51 4.65 -45.39
CA LYS A 71 32.11 5.74 -46.16
C LYS A 71 31.02 6.66 -46.71
N GLU A 72 31.38 7.92 -46.94
CA GLU A 72 30.42 8.92 -47.41
C GLU A 72 29.57 8.40 -48.56
N GLY A 73 28.26 8.46 -48.40
CA GLY A 73 27.34 7.98 -49.40
C GLY A 73 27.02 6.50 -49.23
N ARG A 74 26.80 6.09 -47.99
CA ARG A 74 26.49 4.70 -47.68
C ARG A 74 25.02 4.52 -47.32
N LEU A 75 24.30 3.78 -48.15
CA LEU A 75 22.88 3.52 -47.91
C LEU A 75 22.69 2.60 -46.71
N VAL A 76 21.99 3.08 -45.69
CA VAL A 76 21.75 2.30 -44.48
C VAL A 76 20.31 2.46 -43.99
N ALA A 77 19.87 1.51 -43.18
CA ALA A 77 18.54 1.54 -42.60
C ALA A 77 18.62 1.64 -41.07
N PHE A 78 18.26 2.79 -40.53
CA PHE A 78 18.34 3.02 -39.10
C PHE A 78 16.95 3.15 -38.47
N ARG A 79 16.90 3.43 -37.18
CA ARG A 79 15.64 3.58 -36.47
C ARG A 79 15.61 4.82 -35.58
N ASP A 80 14.56 5.61 -35.70
CA ASP A 80 14.37 6.79 -34.86
C ASP A 80 13.88 6.36 -33.49
N PRO A 81 13.90 7.30 -32.51
CA PRO A 81 13.46 7.01 -31.14
C PRO A 81 12.10 6.31 -31.07
N ASN A 82 11.29 6.45 -32.12
CA ASN A 82 9.96 5.85 -32.13
C ASN A 82 9.94 4.44 -32.76
N ASP A 83 11.12 3.84 -32.89
CA ASP A 83 11.24 2.49 -33.42
C ASP A 83 10.67 2.39 -34.84
N CYS A 84 10.93 3.42 -35.65
CA CYS A 84 10.51 3.41 -37.05
C CYS A 84 11.73 3.22 -37.95
N LEU A 85 11.56 2.46 -39.03
CA LEU A 85 12.66 2.17 -39.94
C LEU A 85 12.80 3.23 -41.02
N LYS A 86 13.98 3.81 -41.13
CA LYS A 86 14.26 4.83 -42.13
C LYS A 86 15.47 4.45 -42.98
N LEU A 87 15.50 4.95 -44.22
CA LEU A 87 16.62 4.71 -45.12
C LEU A 87 17.35 6.03 -45.38
N GLY A 88 18.67 6.01 -45.30
CA GLY A 88 19.45 7.22 -45.52
C GLY A 88 20.86 6.97 -46.00
N PHE A 89 21.62 8.05 -46.17
CA PHE A 89 23.02 7.95 -46.58
C PHE A 89 23.95 8.43 -45.47
N VAL A 90 25.12 7.81 -45.39
CA VAL A 90 26.09 8.19 -44.37
C VAL A 90 26.89 9.43 -44.79
N PHE A 91 26.79 10.49 -44.01
CA PHE A 91 27.48 11.74 -44.31
C PHE A 91 28.76 11.90 -43.48
N LYS A 92 28.64 11.67 -42.18
CA LYS A 92 29.78 11.79 -41.28
C LYS A 92 29.71 10.77 -40.15
N VAL A 93 30.87 10.37 -39.64
CA VAL A 93 30.94 9.39 -38.56
C VAL A 93 31.87 9.86 -37.44
N SER A 94 31.38 9.78 -36.21
CA SER A 94 32.17 10.17 -35.05
C SER A 94 32.46 8.97 -34.15
N LEU A 95 33.74 8.64 -34.00
CA LEU A 95 34.14 7.50 -33.19
C LEU A 95 34.08 7.82 -31.70
N LYS A 96 34.44 9.04 -31.34
CA LYS A 96 34.47 9.45 -29.94
C LYS A 96 33.08 9.44 -29.31
N ASP A 97 32.07 9.79 -30.09
CA ASP A 97 30.71 9.87 -29.59
C ASP A 97 29.85 8.70 -30.08
N ALA A 98 30.41 7.90 -30.98
CA ALA A 98 29.70 6.75 -31.54
C ALA A 98 28.37 7.16 -32.15
N VAL A 99 28.38 8.24 -32.91
CA VAL A 99 27.17 8.72 -33.59
C VAL A 99 27.45 8.96 -35.07
N CYS A 100 26.40 8.89 -35.88
CA CYS A 100 26.54 9.09 -37.33
C CYS A 100 25.57 10.13 -37.85
N VAL A 101 26.07 11.00 -38.73
CA VAL A 101 25.23 12.01 -39.37
C VAL A 101 24.64 11.46 -40.66
N ILE A 102 23.40 10.99 -40.58
CA ILE A 102 22.74 10.38 -41.72
C ILE A 102 21.76 11.34 -42.41
N MET A 103 21.85 11.39 -43.74
CA MET A 103 20.89 12.15 -44.54
C MET A 103 19.72 11.25 -44.89
N THR A 104 18.57 11.54 -44.29
CA THR A 104 17.38 10.72 -44.47
C THR A 104 16.54 11.20 -45.64
N PHE A 105 16.20 10.26 -46.53
CA PHE A 105 15.39 10.58 -47.70
C PHE A 105 14.07 9.82 -47.67
N THR A 106 13.73 9.28 -46.51
CA THR A 106 12.52 8.47 -46.37
C THR A 106 11.79 8.77 -45.06
N LYS A 107 10.48 8.90 -45.14
CA LYS A 107 9.66 9.12 -43.95
C LYS A 107 9.64 7.86 -43.10
N PRO A 108 9.42 8.03 -41.78
CA PRO A 108 9.39 6.88 -40.86
C PRO A 108 8.34 5.85 -41.28
N TYR A 109 8.78 4.65 -41.59
CA TYR A 109 7.88 3.59 -42.05
C TYR A 109 6.81 3.25 -41.02
N LYS A 110 5.55 3.39 -41.40
CA LYS A 110 4.44 3.09 -40.50
C LYS A 110 3.36 2.30 -41.22
N LEU A 111 2.65 1.46 -40.47
CA LEU A 111 1.55 0.67 -41.01
C LEU A 111 0.37 1.55 -41.37
N PRO A 112 -0.54 1.03 -42.22
CA PRO A 112 -1.75 1.76 -42.58
C PRO A 112 -2.50 2.23 -41.33
N ASN A 113 -2.36 1.47 -40.25
CA ASN A 113 -2.96 1.84 -38.97
C ASN A 113 -2.41 3.17 -38.48
N GLY A 114 -1.09 3.33 -38.57
CA GLY A 114 -0.44 4.54 -38.12
C GLY A 114 0.70 4.25 -37.15
N GLU A 115 0.58 3.11 -36.47
CA GLU A 115 1.60 2.68 -35.52
C GLU A 115 2.87 2.25 -36.23
N PRO A 116 4.03 2.48 -35.61
CA PRO A 116 5.34 2.16 -36.19
C PRO A 116 5.53 0.66 -36.40
N ASN A 117 6.12 0.29 -37.53
CA ASN A 117 6.40 -1.11 -37.84
C ASN A 117 7.55 -1.63 -36.99
N HIS A 118 7.32 -2.75 -36.29
CA HIS A 118 8.31 -3.31 -35.39
C HIS A 118 9.06 -4.48 -36.01
N LEU A 119 8.73 -4.79 -37.26
CA LEU A 119 9.38 -5.90 -37.95
C LEU A 119 10.80 -5.56 -38.39
N ILE A 120 11.70 -6.51 -38.21
CA ILE A 120 13.10 -6.32 -38.61
C ILE A 120 13.29 -6.60 -40.10
N TYR A 121 13.98 -5.69 -40.78
CA TYR A 121 14.21 -5.83 -42.21
C TYR A 121 15.31 -6.84 -42.49
N PHE A 122 14.96 -7.94 -43.15
CA PHE A 122 15.93 -8.98 -43.49
C PHE A 122 16.39 -8.85 -44.94
N PRO A 123 17.67 -8.50 -45.12
CA PRO A 123 18.28 -8.39 -46.46
C PRO A 123 18.23 -9.71 -47.21
N LYS A 124 18.16 -9.65 -48.53
CA LYS A 124 18.11 -10.85 -49.37
C LYS A 124 16.89 -11.70 -49.05
N ALA A 125 15.76 -11.04 -48.79
CA ALA A 125 14.51 -11.74 -48.50
C ALA A 125 13.36 -11.14 -49.29
N ASP A 126 13.27 -11.51 -50.56
CA ASP A 126 12.25 -10.96 -51.45
C ASP A 126 10.84 -11.15 -50.91
N GLY A 127 10.52 -12.38 -50.52
CA GLY A 127 9.21 -12.70 -50.00
C GLY A 127 8.84 -11.90 -48.76
N TYR A 128 9.67 -12.03 -47.73
CA TYR A 128 9.46 -11.32 -46.48
C TYR A 128 9.28 -9.82 -46.72
N ARG A 129 10.11 -9.27 -47.61
CA ARG A 129 10.01 -7.86 -47.97
C ARG A 129 8.65 -7.54 -48.57
N ARG A 130 8.31 -8.24 -49.65
CA ARG A 130 7.05 -8.01 -50.34
C ARG A 130 5.84 -8.16 -49.42
N ARG A 131 6.00 -8.97 -48.37
CA ARG A 131 4.90 -9.22 -47.44
C ARG A 131 4.80 -8.17 -46.34
N ASN A 132 5.94 -7.70 -45.85
CA ASN A 132 5.95 -6.76 -44.73
C ASN A 132 6.42 -5.36 -45.12
N PHE A 133 7.32 -5.26 -46.08
CA PHE A 133 7.83 -3.97 -46.52
C PHE A 133 7.65 -3.78 -48.02
N PRO A 134 6.43 -3.46 -48.45
CA PRO A 134 6.12 -3.26 -49.87
C PRO A 134 6.87 -2.07 -50.47
N LYS A 135 6.81 -0.91 -49.82
CA LYS A 135 7.47 0.29 -50.34
C LYS A 135 7.67 1.37 -49.29
N PHE A 136 8.73 2.14 -49.45
CA PHE A 136 9.01 3.29 -48.59
C PHE A 136 8.58 4.58 -49.28
N GLN A 137 8.18 5.56 -48.48
CA GLN A 137 7.76 6.86 -49.02
C GLN A 137 8.88 7.88 -48.95
N LYS A 138 9.18 8.49 -50.09
CA LYS A 138 10.27 9.47 -50.17
C LYS A 138 9.89 10.78 -49.51
N THR A 139 10.89 11.48 -48.96
CA THR A 139 10.67 12.76 -48.30
C THR A 139 11.88 13.66 -48.51
N ASP A 140 11.65 14.96 -48.58
CA ASP A 140 12.73 15.94 -48.72
C ASP A 140 13.84 15.65 -47.72
N PHE A 141 15.03 15.35 -48.24
CA PHE A 141 16.15 14.95 -47.39
C PHE A 141 16.44 15.94 -46.27
N TYR A 142 16.82 15.43 -45.11
CA TYR A 142 17.15 16.26 -43.96
C TYR A 142 18.19 15.57 -43.08
N MET A 143 19.21 16.32 -42.69
CA MET A 143 20.29 15.77 -41.88
C MET A 143 19.83 15.43 -40.47
N GLU A 144 20.17 14.22 -40.02
CA GLU A 144 19.79 13.74 -38.71
C GLU A 144 20.88 12.89 -38.08
N GLU A 145 21.23 13.19 -36.83
CA GLU A 145 22.24 12.42 -36.12
C GLU A 145 21.61 11.23 -35.41
N VAL A 146 22.21 10.05 -35.59
CA VAL A 146 21.68 8.82 -35.01
C VAL A 146 22.81 7.93 -34.52
N PRO A 147 22.64 7.36 -33.31
CA PRO A 147 23.64 6.46 -32.72
C PRO A 147 23.91 5.26 -33.62
N VAL A 148 25.18 4.84 -33.67
CA VAL A 148 25.59 3.73 -34.53
C VAL A 148 24.81 2.46 -34.22
N THR A 149 24.40 2.30 -32.97
CA THR A 149 23.68 1.10 -32.53
C THR A 149 22.33 0.95 -33.21
N ALA A 150 21.76 2.06 -33.66
CA ALA A 150 20.44 2.06 -34.28
C ALA A 150 20.44 1.40 -35.65
N ILE A 151 21.57 1.48 -36.35
CA ILE A 151 21.69 0.89 -37.68
C ILE A 151 21.42 -0.61 -37.66
N GLU A 152 20.53 -1.06 -38.53
CA GLU A 152 20.17 -2.48 -38.58
C GLU A 152 20.64 -3.14 -39.87
N VAL A 153 20.66 -2.38 -40.96
CA VAL A 153 21.05 -2.94 -42.26
C VAL A 153 22.07 -2.04 -42.97
N ILE A 154 23.15 -2.66 -43.45
CA ILE A 154 24.16 -1.95 -44.21
C ILE A 154 24.23 -2.49 -45.63
N THR A 155 23.53 -1.82 -46.55
CA THR A 155 23.48 -2.24 -47.94
C THR A 155 24.84 -2.10 -48.61
N LYS A 156 24.99 -2.73 -49.78
CA LYS A 156 26.24 -2.67 -50.53
C LYS A 156 26.28 -1.45 -51.44
N ARG A 157 25.10 -1.00 -51.86
CA ARG A 157 25.00 0.16 -52.74
C ARG A 157 25.53 1.42 -52.07
N LYS A 158 26.16 2.29 -52.86
CA LYS A 158 26.72 3.53 -52.34
C LYS A 158 26.52 4.69 -53.31
N PHE A 159 26.26 5.87 -52.76
CA PHE A 159 26.04 7.07 -53.56
C PHE A 159 27.37 7.74 -53.89
N ALA A 160 27.72 7.77 -55.17
CA ALA A 160 29.00 8.30 -55.61
C ALA A 160 29.17 9.79 -55.34
N ALA A 161 28.30 10.60 -55.95
CA ALA A 161 28.39 12.06 -55.82
C ALA A 161 28.48 12.51 -54.37
N PRO A 162 29.41 13.43 -54.09
CA PRO A 162 29.58 13.99 -52.74
C PRO A 162 28.30 14.62 -52.22
N LEU A 163 27.93 14.28 -50.99
CA LEU A 163 26.70 14.81 -50.40
C LEU A 163 26.78 16.31 -50.17
N GLY A 164 28.00 16.84 -50.11
CA GLY A 164 28.22 18.26 -49.92
C GLY A 164 27.48 19.11 -50.93
N LYS A 165 27.58 18.72 -52.21
CA LYS A 165 26.92 19.43 -53.28
C LYS A 165 25.40 19.29 -53.18
N VAL A 166 24.95 18.14 -52.67
CA VAL A 166 23.52 17.90 -52.49
C VAL A 166 22.95 18.82 -51.41
N ILE A 167 23.74 19.05 -50.37
CA ILE A 167 23.34 19.95 -49.30
C ILE A 167 23.21 21.38 -49.82
N LYS A 168 24.12 21.75 -50.71
CA LYS A 168 24.08 23.08 -51.32
C LYS A 168 22.94 23.18 -52.32
N LYS A 169 22.25 22.07 -52.52
CA LYS A 169 21.09 22.02 -53.41
C LYS A 169 21.44 22.33 -54.87
N ASP A 170 22.63 21.92 -55.29
CA ASP A 170 23.05 22.07 -56.68
C ASP A 170 22.23 21.15 -57.57
N VAL A 171 21.69 21.71 -58.65
CA VAL A 171 20.83 20.96 -59.57
C VAL A 171 21.53 19.70 -60.10
N ALA A 172 22.79 19.84 -60.47
CA ALA A 172 23.55 18.72 -61.00
C ALA A 172 23.61 17.56 -60.00
N ALA A 173 23.72 17.90 -58.72
CA ALA A 173 23.79 16.89 -57.67
C ALA A 173 22.41 16.37 -57.29
N LEU A 174 21.43 17.26 -57.28
CA LEU A 174 20.06 16.89 -56.91
C LEU A 174 19.41 15.98 -57.94
N ASN A 175 19.83 16.12 -59.20
CA ASN A 175 19.33 15.24 -60.25
C ASN A 175 19.77 13.80 -60.02
N GLU A 176 21.06 13.62 -59.76
CA GLU A 176 21.62 12.31 -59.50
C GLU A 176 21.09 11.74 -58.20
N PHE A 177 20.92 12.61 -57.20
CA PHE A 177 20.39 12.20 -55.90
C PHE A 177 18.96 11.68 -56.03
N ASN A 178 18.11 12.49 -56.66
CA ASN A 178 16.72 12.10 -56.87
C ASN A 178 16.59 10.86 -57.74
N ALA A 179 17.40 10.79 -58.79
CA ALA A 179 17.40 9.64 -59.68
C ALA A 179 17.76 8.36 -58.94
N GLU A 180 18.84 8.43 -58.16
CA GLU A 180 19.30 7.28 -57.39
C GLU A 180 18.26 6.86 -56.36
N THR A 181 17.72 7.84 -55.64
CA THR A 181 16.71 7.59 -54.61
C THR A 181 15.50 6.89 -55.21
N ASN A 182 14.93 7.49 -56.25
CA ASN A 182 13.78 6.90 -56.93
C ASN A 182 14.11 5.51 -57.45
N ASN A 183 15.36 5.31 -57.86
CA ASN A 183 15.82 4.00 -58.31
C ASN A 183 15.74 2.99 -57.18
N ILE A 184 16.15 3.40 -55.99
CA ILE A 184 16.14 2.53 -54.82
C ILE A 184 14.71 2.22 -54.36
N LEU A 185 13.85 3.23 -54.40
CA LEU A 185 12.49 3.09 -53.88
C LEU A 185 11.56 2.33 -54.83
N ASP A 186 11.66 2.61 -56.13
CA ASP A 186 10.88 1.89 -57.14
C ASP A 186 11.02 0.39 -56.95
N GLY A 187 12.24 -0.11 -57.13
CA GLY A 187 12.53 -1.51 -56.93
C GLY A 187 13.70 -1.70 -55.98
N LYS A 188 13.46 -2.37 -54.86
CA LYS A 188 14.50 -2.56 -53.85
C LYS A 188 14.69 -4.01 -53.44
N THR A 189 15.90 -4.52 -53.63
CA THR A 189 16.25 -5.86 -53.18
C THR A 189 17.52 -5.77 -52.34
N LEU A 190 17.43 -5.04 -51.23
CA LEU A 190 18.57 -4.76 -50.37
C LEU A 190 19.36 -6.01 -50.01
N LYS A 191 20.68 -5.92 -50.16
CA LYS A 191 21.58 -7.02 -49.80
C LYS A 191 22.68 -6.52 -48.87
N GLU A 192 22.70 -7.05 -47.65
CA GLU A 192 23.67 -6.63 -46.65
C GLU A 192 24.96 -7.46 -46.75
N ALA A 193 26.07 -6.78 -47.00
CA ALA A 193 27.36 -7.43 -47.10
C ALA A 193 28.43 -6.65 -46.33
N ILE A 194 29.01 -7.29 -45.32
CA ILE A 194 30.02 -6.64 -44.49
C ILE A 194 31.33 -7.42 -44.48
N ASN A 195 32.41 -6.76 -44.87
CA ASN A 195 33.73 -7.37 -44.87
C ASN A 195 34.37 -7.34 -43.48
N ILE A 196 33.89 -8.21 -42.60
CA ILE A 196 34.37 -8.27 -41.23
C ILE A 196 35.67 -9.04 -41.11
N GLU A 197 36.13 -9.60 -42.23
CA GLU A 197 37.36 -10.39 -42.26
C GLU A 197 38.58 -9.50 -42.08
N LYS A 198 38.39 -8.19 -42.26
CA LYS A 198 39.49 -7.24 -42.12
C LYS A 198 40.09 -7.26 -40.73
N GLN A 199 39.24 -7.10 -39.72
CA GLN A 199 39.70 -7.09 -38.33
C GLN A 199 38.57 -7.50 -37.38
N GLY A 200 38.94 -7.85 -36.15
CA GLY A 200 37.97 -8.25 -35.15
C GLY A 200 37.87 -9.76 -35.01
N LEU A 201 37.56 -10.21 -33.79
CA LEU A 201 37.42 -11.64 -33.53
C LEU A 201 36.01 -11.97 -33.07
N LYS A 202 35.47 -11.14 -32.17
CA LYS A 202 34.12 -11.34 -31.65
C LYS A 202 33.08 -11.05 -32.73
N ILE A 203 33.44 -10.18 -33.67
CA ILE A 203 32.55 -9.81 -34.77
C ILE A 203 32.05 -11.04 -35.52
N HIS A 204 32.97 -11.93 -35.87
CA HIS A 204 32.64 -13.14 -36.61
C HIS A 204 31.69 -14.03 -35.81
N GLN A 205 31.94 -14.12 -34.50
CA GLN A 205 31.08 -14.92 -33.63
C GLN A 205 29.66 -14.35 -33.60
N ILE A 206 29.56 -13.03 -33.45
CA ILE A 206 28.26 -12.36 -33.44
C ILE A 206 27.54 -12.59 -34.76
N LEU A 207 28.28 -12.50 -35.86
CA LEU A 207 27.71 -12.73 -37.19
C LEU A 207 27.16 -14.14 -37.32
N LEU A 208 27.96 -15.13 -36.90
CA LEU A 208 27.54 -16.53 -36.98
C LEU A 208 26.29 -16.76 -36.14
N ASP A 209 26.30 -16.26 -34.91
CA ASP A 209 25.17 -16.41 -34.00
C ASP A 209 23.90 -15.80 -34.60
N ARG A 210 24.04 -14.59 -35.12
CA ARG A 210 22.91 -13.88 -35.72
C ARG A 210 22.36 -14.64 -36.92
N THR A 211 23.26 -15.14 -37.76
CA THR A 211 22.86 -15.91 -38.93
C THR A 211 22.15 -17.20 -38.52
N ASN A 212 22.55 -17.77 -37.40
CA ASN A 212 21.87 -18.94 -36.85
C ASN A 212 20.46 -18.58 -36.40
N ILE A 213 20.35 -17.48 -35.66
CA ILE A 213 19.05 -16.98 -35.22
C ILE A 213 18.12 -16.77 -36.42
N ARG A 214 18.68 -16.25 -37.51
CA ARG A 214 17.91 -16.03 -38.73
C ARG A 214 17.48 -17.34 -39.36
N ASP A 215 18.42 -18.27 -39.48
CA ASP A 215 18.15 -19.58 -40.05
C ASP A 215 17.04 -20.28 -39.28
N GLU A 216 16.97 -20.03 -37.97
CA GLU A 216 15.95 -20.65 -37.13
C GLU A 216 14.62 -19.90 -37.23
N ILE A 217 14.68 -18.59 -37.39
CA ILE A 217 13.47 -17.77 -37.43
C ILE A 217 12.74 -17.92 -38.77
N PHE A 218 13.49 -18.16 -39.84
CA PHE A 218 12.89 -18.36 -41.15
C PHE A 218 12.35 -19.78 -41.32
N LYS A 219 12.55 -20.60 -40.29
CA LYS A 219 12.04 -21.97 -40.31
C LYS A 219 10.63 -22.04 -39.75
N LEU A 220 10.20 -20.95 -39.10
CA LEU A 220 8.87 -20.88 -38.53
C LEU A 220 7.79 -20.79 -39.61
N LYS A 221 6.54 -20.69 -39.19
CA LYS A 221 5.43 -20.61 -40.12
C LYS A 221 4.88 -19.19 -40.24
N SER A 222 5.06 -18.40 -39.18
CA SER A 222 4.58 -17.03 -39.17
C SER A 222 5.38 -16.15 -40.12
N ILE A 223 6.57 -16.62 -40.49
CA ILE A 223 7.45 -15.88 -41.38
C ILE A 223 6.85 -15.75 -42.78
N LYS A 224 5.99 -16.69 -43.15
CA LYS A 224 5.38 -16.71 -44.47
C LYS A 224 4.05 -15.98 -44.48
N CYS A 225 3.64 -15.49 -43.32
CA CYS A 225 2.36 -14.78 -43.20
C CYS A 225 2.38 -13.44 -43.91
N PRO A 226 1.31 -13.14 -44.67
CA PRO A 226 1.16 -11.88 -45.39
C PRO A 226 0.93 -10.70 -44.45
N ASN A 227 0.15 -10.91 -43.40
CA ASN A 227 -0.21 -9.82 -42.49
C ASN A 227 0.48 -9.92 -41.13
N LEU A 228 1.67 -10.50 -41.09
CA LEU A 228 2.42 -10.62 -39.86
C LEU A 228 2.79 -9.24 -39.32
N SER A 229 3.01 -8.31 -40.23
CA SER A 229 3.41 -6.95 -39.88
C SER A 229 2.39 -6.29 -38.94
N GLN A 230 1.14 -6.73 -39.02
CA GLN A 230 0.08 -6.19 -38.18
C GLN A 230 -0.26 -7.13 -37.03
N HIS A 231 0.13 -8.40 -37.16
CA HIS A 231 -0.15 -9.40 -36.15
C HIS A 231 0.90 -9.38 -35.04
N ILE A 232 2.05 -8.80 -35.31
CA ILE A 232 3.13 -8.74 -34.34
C ILE A 232 2.93 -7.58 -33.37
N VAL A 233 2.07 -6.64 -33.73
CA VAL A 233 1.83 -5.45 -32.91
C VAL A 233 1.35 -5.76 -31.50
N PRO A 234 0.27 -6.55 -31.37
CA PRO A 234 -0.27 -6.83 -30.03
C PRO A 234 0.73 -7.57 -29.15
N LYS A 235 1.41 -8.57 -29.72
CA LYS A 235 2.40 -9.33 -28.97
C LYS A 235 3.57 -8.45 -28.55
N PHE A 236 3.92 -7.48 -29.41
CA PHE A 236 5.00 -6.56 -29.12
C PHE A 236 4.65 -5.64 -27.95
N LYS A 237 3.48 -5.00 -28.04
CA LYS A 237 3.01 -4.13 -26.98
C LYS A 237 2.92 -4.89 -25.66
N ALA A 238 2.36 -6.09 -25.72
CA ALA A 238 2.23 -6.93 -24.54
C ALA A 238 3.61 -7.25 -23.95
N HIS A 239 4.59 -7.43 -24.83
CA HIS A 239 5.95 -7.70 -24.40
C HIS A 239 6.53 -6.52 -23.63
N VAL A 240 6.46 -5.34 -24.22
CA VAL A 240 6.96 -4.12 -23.58
C VAL A 240 6.31 -3.93 -22.22
N ILE A 241 4.99 -3.93 -22.20
CA ILE A 241 4.23 -3.75 -20.95
C ILE A 241 4.65 -4.79 -19.91
N LYS A 242 4.79 -6.03 -20.35
CA LYS A 242 5.18 -7.12 -19.46
C LYS A 242 6.52 -6.83 -18.79
N LYS A 243 7.52 -6.50 -19.59
CA LYS A 243 8.85 -6.20 -19.08
C LYS A 243 8.81 -5.03 -18.10
N LYS A 244 8.06 -3.99 -18.46
CA LYS A 244 7.92 -2.82 -17.60
C LYS A 244 7.29 -3.19 -16.26
N ILE A 245 6.31 -4.09 -16.31
CA ILE A 245 5.65 -4.55 -15.09
C ILE A 245 6.61 -5.32 -14.19
N GLU A 246 7.32 -6.28 -14.77
CA GLU A 246 8.28 -7.08 -14.02
C GLU A 246 9.32 -6.20 -13.35
N GLU A 247 9.72 -5.13 -14.04
CA GLU A 247 10.70 -4.20 -13.50
C GLU A 247 10.14 -3.40 -12.32
N LEU A 248 8.97 -2.81 -12.52
CA LEU A 248 8.33 -2.01 -11.48
C LEU A 248 8.00 -2.82 -10.23
N TYR A 249 8.01 -4.15 -10.36
CA TYR A 249 7.72 -5.03 -9.24
C TYR A 249 8.98 -5.37 -8.46
N HIS A 250 10.09 -4.76 -8.85
CA HIS A 250 11.38 -5.00 -8.20
C HIS A 250 11.71 -6.49 -8.28
N LEU A 251 11.07 -7.17 -9.23
CA LEU A 251 11.23 -8.60 -9.42
C LEU A 251 12.48 -8.91 -10.24
N MET A 252 12.92 -10.16 -10.19
CA MET A 252 14.11 -10.59 -10.93
C MET A 252 15.37 -9.94 -10.38
N SER A 253 15.42 -9.77 -9.07
CA SER A 253 16.57 -9.18 -8.40
C SER A 253 16.94 -7.82 -9.00
N THR B 8 21.31 0.23 -18.06
CA THR B 8 20.63 0.37 -16.78
C THR B 8 19.74 -0.83 -16.50
N LEU B 9 19.73 -1.27 -15.25
CA LEU B 9 18.92 -2.41 -14.84
C LEU B 9 17.51 -1.99 -14.46
N GLN B 10 17.28 -0.68 -14.41
CA GLN B 10 15.97 -0.14 -14.07
C GLN B 10 15.60 1.04 -14.96
N PRO B 11 15.31 0.77 -16.23
CA PRO B 11 14.96 1.80 -17.21
C PRO B 11 13.70 2.59 -16.82
N GLU B 12 12.60 1.89 -16.62
CA GLU B 12 11.33 2.53 -16.28
C GLU B 12 11.48 3.45 -15.06
N HIS B 13 12.11 2.94 -14.01
CA HIS B 13 12.34 3.70 -12.80
C HIS B 13 13.07 5.00 -13.11
N GLU B 14 14.14 4.90 -13.91
CA GLU B 14 14.92 6.07 -14.28
C GLU B 14 14.07 7.09 -15.04
N LYS B 15 13.38 6.62 -16.07
CA LYS B 15 12.53 7.49 -16.89
C LYS B 15 11.52 8.23 -16.01
N GLN B 16 10.74 7.49 -15.23
CA GLN B 16 9.74 8.09 -14.37
C GLN B 16 10.34 9.08 -13.37
N ILE B 17 11.42 8.67 -12.72
CA ILE B 17 12.10 9.53 -11.76
C ILE B 17 12.51 10.86 -12.40
N LYS B 18 13.11 10.78 -13.58
CA LYS B 18 13.53 11.98 -14.30
C LYS B 18 12.33 12.84 -14.69
N VAL B 19 11.22 12.19 -15.02
CA VAL B 19 10.00 12.89 -15.36
C VAL B 19 9.48 13.70 -14.17
N LEU B 20 9.43 13.05 -13.01
CA LEU B 20 8.97 13.71 -11.79
C LEU B 20 9.92 14.80 -11.33
N GLN B 21 11.22 14.61 -11.60
CA GLN B 21 12.22 15.62 -11.26
C GLN B 21 12.04 16.85 -12.13
N GLU B 22 11.93 16.64 -13.44
CA GLU B 22 11.71 17.74 -14.37
C GLU B 22 10.42 18.48 -14.02
N GLU B 23 9.34 17.73 -13.87
CA GLU B 23 8.05 18.32 -13.51
C GLU B 23 8.14 19.05 -12.18
N LEU B 24 9.06 18.61 -11.32
CA LEU B 24 9.25 19.23 -10.02
C LEU B 24 9.96 20.57 -10.13
N GLN B 25 10.98 20.62 -10.98
CA GLN B 25 11.77 21.84 -11.14
C GLN B 25 11.15 22.81 -12.15
N THR B 26 10.06 22.38 -12.79
CA THR B 26 9.35 23.24 -13.73
C THR B 26 8.15 23.91 -13.07
N ILE B 27 8.22 24.06 -11.75
CA ILE B 27 7.16 24.70 -10.99
C ILE B 27 7.53 26.14 -10.65
N GLU B 28 6.60 27.06 -10.93
CA GLU B 28 6.83 28.48 -10.65
C GLU B 28 6.30 28.86 -9.27
N TYR B 29 7.12 29.57 -8.50
CA TYR B 29 6.73 30.00 -7.16
C TYR B 29 6.59 31.52 -7.09
N LYS B 30 5.36 31.99 -6.89
CA LYS B 30 5.10 33.42 -6.78
C LYS B 30 5.50 33.93 -5.41
N SER B 31 6.08 35.14 -5.38
CA SER B 31 6.55 35.72 -4.14
C SER B 31 5.40 36.36 -3.36
N CYS B 32 5.50 36.32 -2.03
CA CYS B 32 4.51 36.95 -1.18
C CYS B 32 5.12 37.46 0.11
N GLU B 33 4.74 38.67 0.50
CA GLU B 33 5.28 39.30 1.70
C GLU B 33 4.53 38.83 2.96
N ILE B 34 3.91 37.67 2.88
CA ILE B 34 3.16 37.13 4.02
C ILE B 34 3.18 35.60 4.05
N CYS B 35 4.01 35.00 3.20
CA CYS B 35 4.11 33.56 3.13
C CYS B 35 5.56 33.08 3.03
N ASP B 36 6.41 33.93 2.46
CA ASP B 36 7.83 33.57 2.28
C ASP B 36 8.54 33.34 3.60
N ASN B 37 7.88 33.69 4.71
CA ASN B 37 8.48 33.55 6.03
C ASN B 37 8.16 32.21 6.71
N ASP B 38 6.88 31.83 6.69
CA ASP B 38 6.47 30.59 7.34
C ASP B 38 5.25 29.95 6.66
N ILE B 39 5.46 29.43 5.46
CA ILE B 39 4.39 28.75 4.73
C ILE B 39 4.58 27.24 4.73
N GLU B 40 5.83 26.81 4.69
CA GLU B 40 6.15 25.38 4.68
C GLU B 40 5.70 24.72 5.98
N LYS B 41 5.91 25.41 7.10
CA LYS B 41 5.47 24.92 8.40
C LYS B 41 3.95 24.77 8.41
N PHE B 42 3.27 25.68 7.71
CA PHE B 42 1.82 25.63 7.60
C PHE B 42 1.38 24.38 6.86
N LEU B 43 2.11 24.04 5.80
CA LEU B 43 1.81 22.84 5.03
C LEU B 43 2.05 21.58 5.85
N GLU B 44 3.18 21.56 6.55
CA GLU B 44 3.54 20.43 7.40
C GLU B 44 2.47 20.19 8.47
N LEU B 45 2.21 21.24 9.26
CA LEU B 45 1.22 21.15 10.33
C LEU B 45 -0.17 20.86 9.79
N MET B 46 -0.44 21.31 8.56
CA MET B 46 -1.74 21.07 7.94
C MET B 46 -1.90 19.59 7.62
N LEU B 47 -0.88 19.01 6.97
CA LEU B 47 -0.89 17.59 6.66
C LEU B 47 -0.98 16.77 7.94
N ALA B 48 -0.30 17.25 8.99
CA ALA B 48 -0.36 16.60 10.29
C ALA B 48 -1.80 16.61 10.82
N TYR B 49 -2.47 17.76 10.65
CA TYR B 49 -3.86 17.90 11.06
C TYR B 49 -4.73 16.88 10.31
N LYS B 50 -4.55 16.83 9.00
CA LYS B 50 -5.27 15.87 8.17
C LYS B 50 -5.09 14.44 8.68
N GLU B 51 -3.84 14.03 8.83
CA GLU B 51 -3.53 12.69 9.31
C GLU B 51 -4.22 12.42 10.65
N ALA B 52 -4.13 13.39 11.55
CA ALA B 52 -4.77 13.28 12.86
C ALA B 52 -6.26 13.04 12.73
N THR B 53 -6.90 13.77 11.81
CA THR B 53 -8.32 13.62 11.57
C THR B 53 -8.64 12.22 11.03
N VAL B 54 -7.82 11.76 10.09
CA VAL B 54 -7.99 10.44 9.51
C VAL B 54 -7.95 9.36 10.60
N ASN B 55 -6.89 9.38 11.41
CA ASN B 55 -6.77 8.44 12.51
C ASN B 55 -7.95 8.54 13.47
N LEU B 56 -8.38 9.77 13.72
CA LEU B 56 -9.53 10.03 14.59
C LEU B 56 -10.76 9.29 14.08
N MET B 57 -11.05 9.42 12.78
CA MET B 57 -12.19 8.75 12.18
C MET B 57 -12.01 7.25 12.18
N GLN B 58 -10.77 6.80 12.00
CA GLN B 58 -10.46 5.37 12.01
C GLN B 58 -10.76 4.75 13.37
N GLU B 59 -10.52 5.52 14.43
CA GLU B 59 -10.74 5.04 15.78
C GLU B 59 -12.21 5.21 16.20
N MET B 60 -12.87 6.20 15.61
CA MET B 60 -14.27 6.48 15.93
C MET B 60 -15.21 5.44 15.35
N VAL B 61 -14.89 4.96 14.15
CA VAL B 61 -15.74 3.99 13.46
C VAL B 61 -15.82 2.67 14.22
N LYS B 62 -14.89 2.46 15.14
CA LYS B 62 -14.86 1.24 15.94
C LYS B 62 -16.03 1.16 16.90
N SER B 63 -16.24 2.24 17.66
CA SER B 63 -17.34 2.30 18.62
C SER B 63 -18.66 2.62 17.93
N PRO B 64 -19.70 1.82 18.20
CA PRO B 64 -21.03 1.99 17.62
C PRO B 64 -21.60 3.38 17.90
N SER B 65 -21.03 4.08 18.88
CA SER B 65 -21.49 5.41 19.24
C SER B 65 -21.44 6.36 18.05
N ILE B 66 -20.64 6.00 17.05
CA ILE B 66 -20.50 6.82 15.84
C ILE B 66 -21.85 6.97 15.13
N LEU B 67 -22.74 6.01 15.34
CA LEU B 67 -24.06 6.05 14.73
C LEU B 67 -24.90 7.19 15.31
N HIS B 68 -24.61 7.58 16.55
CA HIS B 68 -25.32 8.68 17.20
C HIS B 68 -24.65 10.02 16.93
N ILE B 69 -23.50 9.96 16.26
CA ILE B 69 -22.79 11.17 15.87
C ILE B 69 -23.12 11.52 14.42
N LEU B 70 -23.37 10.49 13.62
CA LEU B 70 -23.73 10.67 12.22
C LEU B 70 -25.20 10.32 11.99
N LYS B 71 -26.07 10.82 12.87
CA LYS B 71 -27.50 10.55 12.75
C LYS B 71 -28.03 10.98 11.39
N GLU B 72 -29.10 10.32 10.93
CA GLU B 72 -29.70 10.63 9.64
C GLU B 72 -29.95 12.12 9.49
N GLY B 73 -29.28 12.74 8.53
CA GLY B 73 -29.40 14.17 8.31
C GLY B 73 -28.30 14.94 9.01
N ARG B 74 -27.10 14.39 8.99
CA ARG B 74 -25.95 15.02 9.63
C ARG B 74 -25.08 15.75 8.61
N LEU B 75 -25.04 17.08 8.72
CA LEU B 75 -24.23 17.88 7.81
C LEU B 75 -22.74 17.65 8.05
N VAL B 76 -22.06 17.15 7.02
CA VAL B 76 -20.63 16.89 7.11
C VAL B 76 -19.89 17.34 5.86
N ALA B 77 -18.58 17.53 6.00
CA ALA B 77 -17.73 17.93 4.89
C ALA B 77 -16.70 16.85 4.58
N PHE B 78 -16.90 16.15 3.47
CA PHE B 78 -16.00 15.06 3.09
C PHE B 78 -15.17 15.44 1.86
N ARG B 79 -14.31 14.53 1.43
CA ARG B 79 -13.48 14.78 0.26
C ARG B 79 -13.59 13.67 -0.79
N ASP B 80 -13.78 14.07 -2.04
CA ASP B 80 -13.83 13.14 -3.16
C ASP B 80 -12.42 12.71 -3.53
N PRO B 81 -12.30 11.65 -4.34
CA PRO B 81 -10.98 11.14 -4.77
C PRO B 81 -10.06 12.21 -5.33
N ASN B 82 -10.61 13.37 -5.68
CA ASN B 82 -9.81 14.45 -6.26
C ASN B 82 -9.39 15.50 -5.24
N ASP B 83 -9.47 15.15 -3.96
CA ASP B 83 -9.06 16.03 -2.88
C ASP B 83 -9.86 17.34 -2.90
N CYS B 84 -11.15 17.25 -3.21
CA CYS B 84 -12.03 18.40 -3.18
C CYS B 84 -12.99 18.30 -2.00
N LEU B 85 -13.34 19.44 -1.41
CA LEU B 85 -14.20 19.45 -0.22
C LEU B 85 -15.67 19.64 -0.60
N LYS B 86 -16.51 18.72 -0.15
CA LYS B 86 -17.94 18.77 -0.43
C LYS B 86 -18.75 18.72 0.87
N LEU B 87 -19.92 19.34 0.84
CA LEU B 87 -20.84 19.31 1.98
C LEU B 87 -22.04 18.43 1.66
N GLY B 88 -22.42 17.59 2.61
CA GLY B 88 -23.55 16.69 2.41
C GLY B 88 -24.23 16.26 3.69
N PHE B 89 -25.28 15.45 3.56
CA PHE B 89 -26.01 14.93 4.71
C PHE B 89 -25.80 13.42 4.84
N VAL B 90 -25.70 12.95 6.09
CA VAL B 90 -25.52 11.53 6.33
C VAL B 90 -26.83 10.77 6.17
N PHE B 91 -26.86 9.82 5.23
CA PHE B 91 -28.06 9.04 4.96
C PHE B 91 -27.98 7.66 5.60
N LYS B 92 -26.86 6.98 5.41
CA LYS B 92 -26.66 5.65 5.96
C LYS B 92 -25.21 5.40 6.33
N VAL B 93 -24.98 4.54 7.31
CA VAL B 93 -23.63 4.22 7.77
C VAL B 93 -23.42 2.72 7.89
N SER B 94 -22.29 2.24 7.37
CA SER B 94 -21.97 0.82 7.45
C SER B 94 -20.69 0.60 8.25
N LEU B 95 -20.83 -0.09 9.38
CA LEU B 95 -19.70 -0.34 10.27
C LEU B 95 -18.78 -1.43 9.71
N LYS B 96 -19.38 -2.46 9.12
CA LYS B 96 -18.63 -3.58 8.58
C LYS B 96 -17.73 -3.17 7.42
N ASP B 97 -18.16 -2.16 6.67
CA ASP B 97 -17.42 -1.70 5.50
C ASP B 97 -16.76 -0.35 5.73
N ALA B 98 -17.08 0.28 6.87
CA ALA B 98 -16.52 1.58 7.22
C ALA B 98 -16.78 2.62 6.13
N VAL B 99 -17.97 2.59 5.56
CA VAL B 99 -18.35 3.54 4.53
C VAL B 99 -19.67 4.23 4.88
N CYS B 100 -19.87 5.43 4.34
CA CYS B 100 -21.07 6.19 4.62
C CYS B 100 -21.76 6.67 3.33
N VAL B 101 -23.08 6.54 3.30
CA VAL B 101 -23.86 7.01 2.16
C VAL B 101 -24.28 8.46 2.38
N ILE B 102 -23.52 9.38 1.80
CA ILE B 102 -23.78 10.80 1.95
C ILE B 102 -24.53 11.37 0.75
N MET B 103 -25.54 12.19 1.02
CA MET B 103 -26.25 12.92 -0.03
C MET B 103 -25.59 14.28 -0.20
N THR B 104 -24.94 14.46 -1.33
CA THR B 104 -24.19 15.69 -1.60
C THR B 104 -25.07 16.75 -2.25
N PHE B 105 -25.02 17.97 -1.71
CA PHE B 105 -25.79 19.08 -2.25
C PHE B 105 -24.87 20.22 -2.68
N THR B 106 -23.59 19.91 -2.84
CA THR B 106 -22.61 20.92 -3.20
C THR B 106 -21.57 20.37 -4.18
N LYS B 107 -21.29 21.13 -5.23
CA LYS B 107 -20.27 20.76 -6.20
C LYS B 107 -18.89 20.80 -5.55
N PRO B 108 -17.95 19.99 -6.08
CA PRO B 108 -16.58 19.94 -5.52
C PRO B 108 -15.94 21.33 -5.52
N TYR B 109 -15.59 21.81 -4.33
CA TYR B 109 -15.02 23.15 -4.20
C TYR B 109 -13.70 23.27 -4.95
N LYS B 110 -13.65 24.18 -5.91
CA LYS B 110 -12.44 24.42 -6.69
C LYS B 110 -12.12 25.91 -6.78
N LEU B 111 -10.84 26.21 -6.93
CA LEU B 111 -10.39 27.59 -7.05
C LEU B 111 -10.80 28.18 -8.39
N PRO B 112 -10.79 29.52 -8.50
CA PRO B 112 -11.09 30.18 -9.78
C PRO B 112 -10.23 29.61 -10.89
N ASN B 113 -9.03 29.16 -10.54
CA ASN B 113 -8.13 28.52 -11.50
C ASN B 113 -8.74 27.25 -12.07
N GLY B 114 -9.42 26.50 -11.23
CA GLY B 114 -10.03 25.25 -11.64
C GLY B 114 -9.51 24.08 -10.83
N GLU B 115 -8.28 24.20 -10.33
CA GLU B 115 -7.66 23.15 -9.53
C GLU B 115 -8.35 23.02 -8.18
N PRO B 116 -8.29 21.82 -7.59
CA PRO B 116 -8.93 21.54 -6.30
C PRO B 116 -8.32 22.33 -5.15
N ASN B 117 -9.15 22.68 -4.16
CA ASN B 117 -8.68 23.40 -2.98
C ASN B 117 -8.18 22.41 -1.93
N HIS B 118 -6.90 22.51 -1.58
CA HIS B 118 -6.27 21.58 -0.66
C HIS B 118 -6.27 22.08 0.79
N LEU B 119 -6.85 23.26 1.00
CA LEU B 119 -6.90 23.85 2.34
C LEU B 119 -7.88 23.11 3.24
N ILE B 120 -7.46 22.89 4.49
CA ILE B 120 -8.31 22.23 5.47
C ILE B 120 -9.33 23.21 6.04
N TYR B 121 -10.57 22.76 6.16
CA TYR B 121 -11.64 23.60 6.68
C TYR B 121 -11.64 23.61 8.21
N PHE B 122 -11.25 24.74 8.79
CA PHE B 122 -11.20 24.89 10.24
C PHE B 122 -12.48 25.50 10.79
N PRO B 123 -13.27 24.70 11.52
CA PRO B 123 -14.52 25.17 12.14
C PRO B 123 -14.26 26.30 13.14
N LYS B 124 -15.26 27.16 13.32
CA LYS B 124 -15.14 28.28 14.25
C LYS B 124 -13.99 29.22 13.88
N ALA B 125 -13.78 29.40 12.58
CA ALA B 125 -12.75 30.29 12.08
C ALA B 125 -13.29 31.19 10.97
N ASP B 126 -13.99 32.25 11.36
CA ASP B 126 -14.63 33.14 10.39
C ASP B 126 -13.63 33.79 9.43
N GLY B 127 -12.51 34.26 9.96
CA GLY B 127 -11.50 34.89 9.14
C GLY B 127 -10.94 33.95 8.10
N TYR B 128 -10.34 32.85 8.56
CA TYR B 128 -9.77 31.85 7.68
C TYR B 128 -10.79 31.41 6.63
N ARG B 129 -12.05 31.31 7.04
CA ARG B 129 -13.13 30.96 6.13
C ARG B 129 -13.28 32.00 5.02
N ARG B 130 -13.60 33.23 5.42
CA ARG B 130 -13.79 34.32 4.46
C ARG B 130 -12.60 34.46 3.53
N ARG B 131 -11.41 34.10 4.01
CA ARG B 131 -10.20 34.24 3.21
C ARG B 131 -9.99 33.08 2.25
N ASN B 132 -10.36 31.88 2.66
CA ASN B 132 -10.13 30.69 1.85
C ASN B 132 -11.41 30.03 1.34
N PHE B 133 -12.47 30.10 2.12
CA PHE B 133 -13.75 29.51 1.74
C PHE B 133 -14.89 30.53 1.80
N PRO B 134 -14.97 31.39 0.78
CA PRO B 134 -16.02 32.42 0.71
C PRO B 134 -17.42 31.84 0.59
N LYS B 135 -17.62 30.91 -0.35
CA LYS B 135 -18.94 30.33 -0.56
C LYS B 135 -18.91 29.02 -1.36
N PHE B 136 -19.83 28.12 -1.04
CA PHE B 136 -19.99 26.87 -1.79
C PHE B 136 -21.12 27.01 -2.81
N GLN B 137 -20.99 26.30 -3.93
CA GLN B 137 -22.01 26.32 -4.97
C GLN B 137 -22.93 25.11 -4.86
N LYS B 138 -24.24 25.37 -4.85
CA LYS B 138 -25.23 24.30 -4.70
C LYS B 138 -25.38 23.50 -5.99
N THR B 139 -25.76 22.24 -5.86
CA THR B 139 -25.95 21.36 -7.01
C THR B 139 -27.05 20.34 -6.70
N ASP B 140 -27.76 19.92 -7.74
CA ASP B 140 -28.80 18.90 -7.59
C ASP B 140 -28.29 17.72 -6.78
N PHE B 141 -28.90 17.50 -5.61
CA PHE B 141 -28.44 16.47 -4.70
C PHE B 141 -28.35 15.09 -5.36
N TYR B 142 -27.33 14.34 -4.99
CA TYR B 142 -27.12 12.99 -5.51
C TYR B 142 -26.44 12.10 -4.48
N MET B 143 -26.95 10.89 -4.31
CA MET B 143 -26.39 9.95 -3.35
C MET B 143 -25.00 9.48 -3.76
N GLU B 144 -24.10 9.42 -2.79
CA GLU B 144 -22.72 8.99 -3.06
C GLU B 144 -22.11 8.31 -1.84
N GLU B 145 -21.44 7.19 -2.05
CA GLU B 145 -20.78 6.49 -0.96
C GLU B 145 -19.34 6.97 -0.79
N VAL B 146 -18.95 7.21 0.46
CA VAL B 146 -17.63 7.73 0.77
C VAL B 146 -17.11 7.14 2.08
N PRO B 147 -15.84 6.72 2.08
CA PRO B 147 -15.21 6.16 3.28
C PRO B 147 -15.24 7.13 4.45
N VAL B 148 -15.41 6.60 5.66
CA VAL B 148 -15.51 7.42 6.86
C VAL B 148 -14.27 8.29 7.07
N THR B 149 -13.12 7.79 6.61
CA THR B 149 -11.86 8.50 6.79
C THR B 149 -11.82 9.82 6.05
N ALA B 150 -12.66 9.96 5.03
CA ALA B 150 -12.68 11.17 4.20
C ALA B 150 -13.29 12.35 4.92
N ILE B 151 -14.19 12.08 5.86
CA ILE B 151 -14.86 13.14 6.61
C ILE B 151 -13.85 13.99 7.39
N GLU B 152 -13.93 15.30 7.20
CA GLU B 152 -13.02 16.23 7.87
C GLU B 152 -13.72 17.04 8.96
N VAL B 153 -14.98 17.40 8.70
CA VAL B 153 -15.73 18.23 9.64
C VAL B 153 -17.11 17.65 9.92
N ILE B 154 -17.47 17.61 11.21
CA ILE B 154 -18.79 17.15 11.63
C ILE B 154 -19.54 18.27 12.33
N THR B 155 -20.39 18.98 11.59
CA THR B 155 -21.12 20.10 12.12
C THR B 155 -22.18 19.66 13.13
N LYS B 156 -22.62 20.59 13.97
CA LYS B 156 -23.64 20.30 14.97
C LYS B 156 -25.04 20.37 14.37
N ARG B 157 -25.17 21.12 13.28
CA ARG B 157 -26.45 21.26 12.59
C ARG B 157 -26.93 19.92 12.04
N LYS B 158 -28.25 19.69 12.10
CA LYS B 158 -28.83 18.45 11.61
C LYS B 158 -30.12 18.72 10.84
N PHE B 159 -30.45 17.80 9.93
CA PHE B 159 -31.66 17.93 9.13
C PHE B 159 -32.78 17.05 9.69
N ALA B 160 -33.82 17.69 10.19
CA ALA B 160 -34.93 16.99 10.85
C ALA B 160 -35.69 16.07 9.90
N ALA B 161 -36.20 16.63 8.81
CA ALA B 161 -36.99 15.87 7.86
C ALA B 161 -36.25 14.64 7.33
N PRO B 162 -36.97 13.51 7.24
CA PRO B 162 -36.40 12.26 6.72
C PRO B 162 -35.90 12.42 5.29
N LEU B 163 -34.68 11.96 5.03
CA LEU B 163 -34.08 12.07 3.70
C LEU B 163 -34.82 11.21 2.68
N GLY B 164 -35.48 10.16 3.16
CA GLY B 164 -36.23 9.27 2.29
C GLY B 164 -37.26 10.00 1.46
N LYS B 165 -37.98 10.93 2.09
CA LYS B 165 -38.99 11.72 1.42
C LYS B 165 -38.37 12.65 0.39
N VAL B 166 -37.20 13.19 0.71
CA VAL B 166 -36.50 14.10 -0.19
C VAL B 166 -36.02 13.37 -1.44
N ILE B 167 -35.49 12.16 -1.25
CA ILE B 167 -35.01 11.35 -2.36
C ILE B 167 -36.15 10.97 -3.29
N LYS B 168 -37.35 10.87 -2.73
CA LYS B 168 -38.54 10.54 -3.51
C LYS B 168 -39.07 11.76 -4.25
N LYS B 169 -38.36 12.87 -4.10
CA LYS B 169 -38.72 14.13 -4.77
C LYS B 169 -40.06 14.67 -4.30
N ASP B 170 -40.36 14.51 -3.01
CA ASP B 170 -41.59 15.02 -2.43
C ASP B 170 -41.49 16.55 -2.26
N VAL B 171 -42.47 17.27 -2.79
CA VAL B 171 -42.46 18.73 -2.73
C VAL B 171 -42.31 19.23 -1.30
N ALA B 172 -43.12 18.70 -0.40
CA ALA B 172 -43.10 19.11 1.00
C ALA B 172 -41.71 18.95 1.61
N ALA B 173 -41.01 17.90 1.22
CA ALA B 173 -39.67 17.63 1.72
C ALA B 173 -38.63 18.50 1.02
N LEU B 174 -38.76 18.63 -0.30
CA LEU B 174 -37.83 19.42 -1.10
C LEU B 174 -37.85 20.89 -0.70
N ASN B 175 -38.99 21.36 -0.19
CA ASN B 175 -39.11 22.72 0.28
C ASN B 175 -38.17 23.00 1.45
N GLU B 176 -38.39 22.28 2.55
CA GLU B 176 -37.55 22.40 3.74
C GLU B 176 -36.09 22.09 3.41
N PHE B 177 -35.89 21.12 2.52
CA PHE B 177 -34.54 20.74 2.09
C PHE B 177 -33.80 21.92 1.45
N ASN B 178 -34.39 22.46 0.39
CA ASN B 178 -33.80 23.61 -0.30
C ASN B 178 -33.62 24.80 0.62
N ALA B 179 -34.64 25.12 1.40
CA ALA B 179 -34.57 26.23 2.34
C ALA B 179 -33.38 26.07 3.28
N GLU B 180 -33.27 24.90 3.89
CA GLU B 180 -32.18 24.60 4.81
C GLU B 180 -30.83 24.73 4.12
N THR B 181 -30.73 24.17 2.91
CA THR B 181 -29.50 24.21 2.14
C THR B 181 -29.05 25.63 1.88
N ASN B 182 -29.92 26.42 1.24
CA ASN B 182 -29.61 27.82 0.99
C ASN B 182 -29.21 28.54 2.26
N ASN B 183 -29.99 28.35 3.32
CA ASN B 183 -29.66 28.88 4.64
C ASN B 183 -28.21 28.56 5.02
N ILE B 184 -27.80 27.31 4.80
CA ILE B 184 -26.45 26.89 5.15
C ILE B 184 -25.42 27.60 4.26
N LEU B 185 -25.74 27.77 2.99
CA LEU B 185 -24.80 28.36 2.05
C LEU B 185 -24.60 29.86 2.24
N ASP B 186 -25.65 30.57 2.65
CA ASP B 186 -25.60 32.02 2.73
C ASP B 186 -24.51 32.53 3.68
N GLY B 187 -24.64 32.23 4.98
CA GLY B 187 -23.69 32.71 5.96
C GLY B 187 -23.06 31.60 6.79
N LYS B 188 -22.64 30.53 6.12
CA LYS B 188 -22.09 29.36 6.81
C LYS B 188 -20.85 29.68 7.61
N THR B 189 -20.80 29.19 8.85
CA THR B 189 -19.58 29.22 9.64
C THR B 189 -19.57 28.00 10.55
N LEU B 190 -19.41 26.84 9.93
CA LEU B 190 -19.58 25.55 10.59
C LEU B 190 -18.83 25.43 11.92
N LYS B 191 -19.51 24.90 12.92
CA LYS B 191 -18.92 24.67 14.23
C LYS B 191 -18.91 23.18 14.53
N GLU B 192 -17.72 22.61 14.67
CA GLU B 192 -17.58 21.18 14.91
C GLU B 192 -17.57 20.86 16.40
N ALA B 193 -18.51 20.02 16.83
CA ALA B 193 -18.60 19.62 18.22
C ALA B 193 -18.87 18.12 18.33
N ILE B 194 -17.95 17.39 18.96
CA ILE B 194 -18.08 15.95 19.09
C ILE B 194 -18.03 15.50 20.56
N ASN B 195 -19.08 14.82 20.99
CA ASN B 195 -19.14 14.30 22.35
C ASN B 195 -18.40 12.98 22.48
N ILE B 196 -17.07 13.04 22.48
CA ILE B 196 -16.25 11.85 22.56
C ILE B 196 -16.08 11.35 23.99
N GLU B 197 -16.69 12.08 24.93
CA GLU B 197 -16.59 11.72 26.34
C GLU B 197 -17.38 10.45 26.65
N LYS B 198 -18.29 10.10 25.76
CA LYS B 198 -19.12 8.91 25.93
C LYS B 198 -18.27 7.64 26.04
N GLN B 199 -17.40 7.43 25.06
CA GLN B 199 -16.53 6.26 25.04
C GLN B 199 -15.25 6.53 24.27
N GLY B 200 -14.22 5.73 24.53
CA GLY B 200 -12.95 5.88 23.87
C GLY B 200 -11.88 6.47 24.77
N LEU B 201 -10.64 6.05 24.54
CA LEU B 201 -9.51 6.56 25.32
C LEU B 201 -8.50 7.27 24.44
N LYS B 202 -8.18 6.66 23.31
CA LYS B 202 -7.23 7.24 22.36
C LYS B 202 -7.86 8.43 21.63
N ILE B 203 -9.19 8.43 21.54
CA ILE B 203 -9.92 9.50 20.88
C ILE B 203 -9.57 10.86 21.48
N HIS B 204 -9.62 10.94 22.81
CA HIS B 204 -9.33 12.19 23.51
C HIS B 204 -7.89 12.63 23.25
N GLN B 205 -6.98 11.67 23.20
CA GLN B 205 -5.58 11.95 22.94
C GLN B 205 -5.40 12.56 21.54
N ILE B 206 -6.04 11.94 20.56
CA ILE B 206 -5.98 12.43 19.19
C ILE B 206 -6.58 13.82 19.08
N LEU B 207 -7.67 14.04 19.82
CA LEU B 207 -8.31 15.35 19.85
C LEU B 207 -7.38 16.41 20.41
N LEU B 208 -6.75 16.11 21.54
CA LEU B 208 -5.83 17.04 22.17
C LEU B 208 -4.65 17.34 21.25
N ASP B 209 -4.10 16.31 20.65
CA ASP B 209 -2.97 16.46 19.73
C ASP B 209 -3.35 17.35 18.55
N ARG B 210 -4.49 17.05 17.93
CA ARG B 210 -4.95 17.83 16.78
C ARG B 210 -5.18 19.29 17.16
N THR B 211 -5.81 19.51 18.31
CA THR B 211 -6.07 20.85 18.80
C THR B 211 -4.75 21.60 19.05
N ASN B 212 -3.74 20.86 19.47
CA ASN B 212 -2.41 21.44 19.66
C ASN B 212 -1.82 21.86 18.32
N ILE B 213 -1.90 20.97 17.34
CA ILE B 213 -1.41 21.26 15.99
C ILE B 213 -2.11 22.50 15.44
N ARG B 214 -3.40 22.64 15.74
CA ARG B 214 -4.17 23.79 15.30
C ARG B 214 -3.73 25.06 15.99
N ASP B 215 -3.59 24.99 17.31
CA ASP B 215 -3.14 26.13 18.11
C ASP B 215 -1.78 26.61 17.63
N GLU B 216 -0.96 25.68 17.15
CA GLU B 216 0.37 26.02 16.66
C GLU B 216 0.31 26.57 15.23
N ILE B 217 -0.61 26.05 14.43
CA ILE B 217 -0.70 26.44 13.03
C ILE B 217 -1.33 27.82 12.84
N PHE B 218 -2.29 28.15 13.71
CA PHE B 218 -2.94 29.46 13.66
C PHE B 218 -2.05 30.54 14.25
N LYS B 219 -0.87 30.14 14.72
CA LYS B 219 0.09 31.09 15.28
C LYS B 219 0.99 31.65 14.18
N LEU B 220 1.00 31.00 13.03
CA LEU B 220 1.80 31.43 11.90
C LEU B 220 1.23 32.72 11.28
N LYS B 221 1.90 33.20 10.25
CA LYS B 221 1.48 34.42 9.57
C LYS B 221 0.81 34.11 8.23
N SER B 222 1.14 32.96 7.66
CA SER B 222 0.57 32.54 6.39
C SER B 222 -0.92 32.25 6.52
N ILE B 223 -1.34 31.94 7.74
CA ILE B 223 -2.74 31.63 8.01
C ILE B 223 -3.65 32.83 7.77
N LYS B 224 -3.08 34.03 7.90
CA LYS B 224 -3.84 35.25 7.77
C LYS B 224 -3.93 35.75 6.33
N CYS B 225 -3.19 35.09 5.44
CA CYS B 225 -3.19 35.50 4.03
C CYS B 225 -4.49 35.12 3.33
N PRO B 226 -5.02 36.05 2.53
CA PRO B 226 -6.26 35.84 1.78
C PRO B 226 -6.05 34.94 0.55
N ASN B 227 -4.87 35.01 -0.05
CA ASN B 227 -4.55 34.22 -1.24
C ASN B 227 -3.81 32.92 -0.91
N LEU B 228 -3.81 32.55 0.37
CA LEU B 228 -3.15 31.35 0.84
C LEU B 228 -3.55 30.15 -0.01
N SER B 229 -4.84 30.05 -0.27
CA SER B 229 -5.41 28.93 -1.03
C SER B 229 -4.67 28.66 -2.33
N GLN B 230 -4.35 29.71 -3.06
CA GLN B 230 -3.61 29.58 -4.31
C GLN B 230 -2.12 29.49 -4.04
N HIS B 231 -1.66 30.18 -3.01
CA HIS B 231 -0.25 30.26 -2.70
C HIS B 231 0.38 28.92 -2.32
N ILE B 232 -0.37 28.08 -1.63
CA ILE B 232 0.17 26.79 -1.17
C ILE B 232 0.08 25.72 -2.25
N VAL B 233 -0.67 26.00 -3.31
CA VAL B 233 -0.86 25.04 -4.39
C VAL B 233 0.46 24.50 -4.95
N PRO B 234 1.39 25.39 -5.33
CA PRO B 234 2.66 24.92 -5.88
C PRO B 234 3.47 24.12 -4.84
N LYS B 235 3.44 24.57 -3.60
CA LYS B 235 4.14 23.89 -2.52
C LYS B 235 3.56 22.50 -2.29
N PHE B 236 2.24 22.39 -2.43
CA PHE B 236 1.55 21.12 -2.27
C PHE B 236 1.96 20.15 -3.38
N LYS B 237 1.91 20.63 -4.62
CA LYS B 237 2.32 19.81 -5.76
C LYS B 237 3.77 19.36 -5.61
N ALA B 238 4.63 20.28 -5.17
CA ALA B 238 6.03 19.96 -4.96
C ALA B 238 6.18 18.86 -3.91
N HIS B 239 5.35 18.93 -2.87
CA HIS B 239 5.37 17.91 -1.82
C HIS B 239 5.03 16.54 -2.38
N VAL B 240 3.90 16.44 -3.07
CA VAL B 240 3.47 15.19 -3.67
C VAL B 240 4.55 14.61 -4.58
N ILE B 241 5.03 15.43 -5.51
CA ILE B 241 6.09 15.01 -6.41
C ILE B 241 7.30 14.50 -5.65
N LYS B 242 7.79 15.29 -4.70
CA LYS B 242 8.97 14.92 -3.93
C LYS B 242 8.80 13.55 -3.28
N LYS B 243 7.69 13.35 -2.58
CA LYS B 243 7.39 12.09 -1.93
C LYS B 243 7.40 10.93 -2.93
N LYS B 244 6.78 11.16 -4.08
CA LYS B 244 6.73 10.15 -5.13
C LYS B 244 8.12 9.80 -5.62
N ILE B 245 8.99 10.81 -5.71
CA ILE B 245 10.36 10.59 -6.16
C ILE B 245 11.15 9.77 -5.14
N GLU B 246 11.06 10.15 -3.87
CA GLU B 246 11.73 9.42 -2.80
C GLU B 246 11.29 7.96 -2.82
N GLU B 247 10.02 7.73 -3.09
CA GLU B 247 9.46 6.39 -3.17
C GLU B 247 10.04 5.62 -4.35
N LEU B 248 10.16 6.30 -5.48
CA LEU B 248 10.64 5.67 -6.71
C LEU B 248 12.14 5.34 -6.66
N TYR B 249 12.87 6.00 -5.76
CA TYR B 249 14.29 5.71 -5.59
C TYR B 249 14.50 4.51 -4.67
N HIS B 250 13.40 3.90 -4.23
CA HIS B 250 13.45 2.72 -3.39
C HIS B 250 14.31 2.92 -2.15
N LEU B 251 14.28 4.13 -1.60
CA LEU B 251 14.99 4.41 -0.36
C LEU B 251 14.00 4.69 0.77
N MET B 252 14.29 4.17 1.95
CA MET B 252 13.41 4.34 3.10
C MET B 252 13.78 5.57 3.92
N LEU C 9 52.99 -9.51 -27.84
CA LEU C 9 51.66 -9.42 -28.43
C LEU C 9 50.97 -8.12 -28.02
N GLN C 10 51.60 -7.37 -27.12
CA GLN C 10 51.06 -6.10 -26.67
C GLN C 10 52.15 -5.05 -26.52
N PRO C 11 52.60 -4.48 -27.64
CA PRO C 11 53.67 -3.48 -27.69
C PRO C 11 53.32 -2.21 -26.91
N GLU C 12 52.22 -1.58 -27.28
CA GLU C 12 51.79 -0.33 -26.64
C GLU C 12 51.76 -0.47 -25.12
N HIS C 13 51.10 -1.52 -24.65
CA HIS C 13 50.99 -1.78 -23.22
C HIS C 13 52.37 -1.88 -22.57
N GLU C 14 53.28 -2.60 -23.23
CA GLU C 14 54.64 -2.75 -22.73
C GLU C 14 55.33 -1.40 -22.59
N LYS C 15 55.23 -0.59 -23.65
CA LYS C 15 55.84 0.73 -23.65
C LYS C 15 55.30 1.61 -22.52
N GLN C 16 53.99 1.84 -22.54
CA GLN C 16 53.36 2.68 -21.53
C GLN C 16 53.65 2.20 -20.11
N ILE C 17 53.53 0.90 -19.88
CA ILE C 17 53.81 0.31 -18.58
C ILE C 17 55.25 0.59 -18.15
N LYS C 18 56.20 0.28 -19.03
CA LYS C 18 57.61 0.52 -18.73
C LYS C 18 57.85 1.99 -18.36
N VAL C 19 57.28 2.89 -19.16
CA VAL C 19 57.43 4.32 -18.92
C VAL C 19 56.89 4.71 -17.54
N LEU C 20 55.67 4.27 -17.24
CA LEU C 20 55.04 4.58 -15.95
C LEU C 20 55.84 4.03 -14.78
N GLN C 21 56.41 2.84 -14.94
CA GLN C 21 57.24 2.24 -13.90
C GLN C 21 58.50 3.07 -13.67
N GLU C 22 59.20 3.38 -14.76
CA GLU C 22 60.39 4.20 -14.68
C GLU C 22 60.10 5.52 -13.97
N GLU C 23 59.06 6.21 -14.43
CA GLU C 23 58.67 7.48 -13.82
C GLU C 23 58.29 7.30 -12.36
N LEU C 24 57.78 6.12 -12.02
CA LEU C 24 57.37 5.81 -10.66
C LEU C 24 58.57 5.68 -9.73
N GLN C 25 59.60 4.98 -10.19
CA GLN C 25 60.78 4.74 -9.37
C GLN C 25 61.79 5.89 -9.43
N THR C 26 61.52 6.88 -10.26
CA THR C 26 62.38 8.05 -10.37
C THR C 26 61.85 9.21 -9.52
N ILE C 27 61.06 8.88 -8.51
CA ILE C 27 60.49 9.88 -7.62
C ILE C 27 61.29 9.99 -6.33
N GLU C 28 61.63 11.21 -5.94
CA GLU C 28 62.40 11.44 -4.71
C GLU C 28 61.47 11.74 -3.54
N TYR C 29 61.72 11.06 -2.42
CA TYR C 29 60.91 11.26 -1.22
C TYR C 29 61.72 11.93 -0.11
N LYS C 30 61.42 13.20 0.15
CA LYS C 30 62.11 13.94 1.18
C LYS C 30 61.73 13.44 2.57
N SER C 31 62.72 13.23 3.43
CA SER C 31 62.49 12.73 4.77
C SER C 31 61.95 13.82 5.70
N CYS C 32 60.93 13.48 6.47
CA CYS C 32 60.38 14.40 7.45
C CYS C 32 60.18 13.75 8.81
N GLU C 33 60.60 14.45 9.86
CA GLU C 33 60.49 13.92 11.22
C GLU C 33 59.04 13.88 11.71
N ILE C 34 58.11 14.32 10.86
CA ILE C 34 56.71 14.35 11.23
C ILE C 34 55.81 13.74 10.16
N CYS C 35 56.41 13.00 9.24
CA CYS C 35 55.64 12.36 8.17
C CYS C 35 56.16 10.96 7.84
N ASP C 36 57.46 10.75 8.03
CA ASP C 36 58.08 9.45 7.73
C ASP C 36 57.46 8.34 8.56
N ASN C 37 56.74 8.70 9.62
CA ASN C 37 56.13 7.72 10.51
C ASN C 37 54.74 7.27 10.07
N ASP C 38 53.87 8.23 9.75
CA ASP C 38 52.51 7.90 9.34
C ASP C 38 51.94 8.91 8.34
N ILE C 39 52.40 8.81 7.09
CA ILE C 39 51.91 9.68 6.04
C ILE C 39 51.08 8.89 5.03
N GLU C 40 51.44 7.62 4.83
CA GLU C 40 50.73 6.76 3.90
C GLU C 40 49.30 6.52 4.38
N LYS C 41 49.16 6.23 5.67
CA LYS C 41 47.84 6.03 6.27
C LYS C 41 46.99 7.27 6.09
N PHE C 42 47.61 8.44 6.17
CA PHE C 42 46.90 9.70 5.97
C PHE C 42 46.37 9.81 4.55
N LEU C 43 47.17 9.37 3.59
CA LEU C 43 46.78 9.38 2.19
C LEU C 43 45.62 8.43 1.94
N GLU C 44 45.75 7.21 2.47
CA GLU C 44 44.70 6.20 2.32
C GLU C 44 43.38 6.68 2.92
N LEU C 45 43.42 7.08 4.18
CA LEU C 45 42.24 7.58 4.87
C LEU C 45 41.67 8.82 4.21
N MET C 46 42.53 9.62 3.59
CA MET C 46 42.11 10.83 2.91
C MET C 46 41.31 10.46 1.66
N LEU C 47 41.86 9.57 0.85
CA LEU C 47 41.18 9.09 -0.35
C LEU C 47 39.84 8.45 0.03
N ALA C 48 39.85 7.69 1.11
CA ALA C 48 38.63 7.08 1.63
C ALA C 48 37.62 8.16 2.00
N TYR C 49 38.11 9.26 2.55
CA TYR C 49 37.26 10.38 2.93
C TYR C 49 36.62 10.99 1.69
N LYS C 50 37.44 11.33 0.71
CA LYS C 50 36.93 11.90 -0.53
C LYS C 50 35.89 10.98 -1.18
N GLU C 51 36.18 9.69 -1.18
CA GLU C 51 35.26 8.70 -1.73
C GLU C 51 33.93 8.72 -0.98
N ALA C 52 34.00 8.73 0.35
CA ALA C 52 32.81 8.80 1.18
C ALA C 52 31.99 10.04 0.85
N THR C 53 32.68 11.14 0.58
CA THR C 53 32.03 12.39 0.21
C THR C 53 31.32 12.25 -1.13
N VAL C 54 32.00 11.63 -2.09
CA VAL C 54 31.45 11.41 -3.41
C VAL C 54 30.16 10.60 -3.31
N ASN C 55 30.24 9.44 -2.67
CA ASN C 55 29.05 8.61 -2.47
C ASN C 55 27.95 9.37 -1.74
N LEU C 56 28.35 10.20 -0.78
CA LEU C 56 27.41 11.02 -0.02
C LEU C 56 26.63 11.92 -0.96
N MET C 57 27.34 12.61 -1.86
CA MET C 57 26.70 13.51 -2.80
C MET C 57 25.84 12.74 -3.80
N GLN C 58 26.29 11.55 -4.17
CA GLN C 58 25.55 10.69 -5.10
C GLN C 58 24.22 10.27 -4.48
N GLU C 59 24.22 10.06 -3.17
CA GLU C 59 23.01 9.63 -2.47
C GLU C 59 22.12 10.82 -2.12
N MET C 60 22.73 12.00 -2.01
CA MET C 60 22.00 13.21 -1.65
C MET C 60 21.22 13.78 -2.84
N VAL C 61 21.81 13.69 -4.02
CA VAL C 61 21.19 14.24 -5.23
C VAL C 61 19.87 13.55 -5.55
N LYS C 62 19.68 12.35 -4.99
CA LYS C 62 18.46 11.59 -5.22
C LYS C 62 17.24 12.28 -4.61
N SER C 63 17.34 12.66 -3.34
CA SER C 63 16.25 13.32 -2.65
C SER C 63 16.20 14.81 -3.00
N PRO C 64 15.00 15.29 -3.39
CA PRO C 64 14.79 16.69 -3.76
C PRO C 64 15.19 17.65 -2.65
N SER C 65 15.31 17.14 -1.42
CA SER C 65 15.70 17.95 -0.28
C SER C 65 17.02 18.66 -0.52
N ILE C 66 17.81 18.13 -1.45
CA ILE C 66 19.10 18.73 -1.79
C ILE C 66 18.94 20.17 -2.25
N LEU C 67 17.80 20.47 -2.88
CA LEU C 67 17.52 21.83 -3.34
C LEU C 67 17.48 22.82 -2.18
N HIS C 68 17.04 22.34 -1.02
CA HIS C 68 16.98 23.19 0.17
C HIS C 68 18.33 23.28 0.87
N ILE C 69 19.27 22.45 0.43
CA ILE C 69 20.63 22.47 0.96
C ILE C 69 21.52 23.32 0.07
N LEU C 70 21.25 23.32 -1.23
CA LEU C 70 22.00 24.12 -2.19
C LEU C 70 21.15 25.26 -2.73
N LYS C 71 20.48 25.97 -1.85
CA LYS C 71 19.64 27.10 -2.23
C LYS C 71 20.46 28.18 -2.92
N GLU C 72 19.80 29.02 -3.71
CA GLU C 72 20.47 30.09 -4.43
C GLU C 72 21.31 30.95 -3.50
N GLY C 73 22.61 30.97 -3.75
CA GLY C 73 23.53 31.73 -2.92
C GLY C 73 24.16 30.88 -1.83
N ARG C 74 24.54 29.65 -2.19
CA ARG C 74 25.15 28.73 -1.25
C ARG C 74 26.64 28.59 -1.49
N LEU C 75 27.44 29.10 -0.55
CA LEU C 75 28.89 29.01 -0.66
C LEU C 75 29.37 27.57 -0.51
N VAL C 76 30.02 27.05 -1.55
CA VAL C 76 30.52 25.68 -1.54
C VAL C 76 31.92 25.58 -2.11
N ALA C 77 32.60 24.49 -1.81
CA ALA C 77 33.94 24.24 -2.31
C ALA C 77 33.96 23.00 -3.21
N PHE C 78 34.13 23.21 -4.51
CA PHE C 78 34.14 22.12 -5.47
C PHE C 78 35.54 21.94 -6.07
N ARG C 79 35.65 21.02 -7.02
CA ARG C 79 36.94 20.76 -7.68
C ARG C 79 36.80 20.70 -9.19
N ASP C 80 37.69 21.41 -9.88
CA ASP C 80 37.74 21.40 -11.34
C ASP C 80 38.41 20.11 -11.81
N PRO C 81 38.30 19.81 -13.11
CA PRO C 81 38.89 18.60 -13.69
C PRO C 81 40.37 18.42 -13.34
N ASN C 82 41.01 19.47 -12.85
CA ASN C 82 42.43 19.40 -12.50
C ASN C 82 42.67 19.15 -11.01
N ASP C 83 41.63 18.69 -10.32
CA ASP C 83 41.73 18.39 -8.89
C ASP C 83 42.17 19.60 -8.08
N CYS C 84 41.62 20.76 -8.41
CA CYS C 84 41.91 21.99 -7.67
C CYS C 84 40.67 22.45 -6.92
N LEU C 85 40.87 22.95 -5.71
CA LEU C 85 39.75 23.37 -4.86
C LEU C 85 39.35 24.82 -5.14
N LYS C 86 38.06 25.02 -5.41
CA LYS C 86 37.54 26.36 -5.68
C LYS C 86 36.31 26.65 -4.83
N LEU C 87 36.12 27.93 -4.50
CA LEU C 87 34.95 28.37 -3.74
C LEU C 87 33.99 29.13 -4.64
N GLY C 88 32.70 28.86 -4.49
CA GLY C 88 31.70 29.52 -5.31
C GLY C 88 30.33 29.58 -4.68
N PHE C 89 29.36 30.11 -5.43
CA PHE C 89 27.98 30.18 -4.95
C PHE C 89 27.05 29.37 -5.85
N VAL C 90 26.10 28.67 -5.26
CA VAL C 90 25.16 27.86 -6.02
C VAL C 90 24.13 28.73 -6.72
N PHE C 91 24.11 28.67 -8.05
CA PHE C 91 23.19 29.47 -8.85
C PHE C 91 21.99 28.65 -9.29
N LYS C 92 22.24 27.45 -9.80
CA LYS C 92 21.17 26.57 -10.26
C LYS C 92 21.53 25.11 -10.05
N VAL C 93 20.51 24.27 -9.89
CA VAL C 93 20.72 22.84 -9.68
C VAL C 93 19.82 22.00 -10.58
N SER C 94 20.41 21.03 -11.26
CA SER C 94 19.65 20.14 -12.13
C SER C 94 19.68 18.71 -11.60
N LEU C 95 18.50 18.19 -11.27
CA LEU C 95 18.40 16.84 -10.73
C LEU C 95 18.51 15.78 -11.83
N LYS C 96 17.98 16.10 -13.00
CA LYS C 96 17.98 15.16 -14.12
C LYS C 96 19.38 14.86 -14.61
N ASP C 97 20.26 15.87 -14.56
CA ASP C 97 21.62 15.71 -15.03
C ASP C 97 22.63 15.64 -13.88
N ALA C 98 22.14 15.88 -12.67
CA ALA C 98 22.99 15.85 -11.48
C ALA C 98 24.17 16.81 -11.60
N VAL C 99 23.90 18.02 -12.10
CA VAL C 99 24.94 19.04 -12.24
C VAL C 99 24.49 20.35 -11.61
N CYS C 100 25.45 21.16 -11.18
CA CYS C 100 25.15 22.43 -10.54
C CYS C 100 25.88 23.58 -11.21
N VAL C 101 25.13 24.65 -11.49
CA VAL C 101 25.71 25.86 -12.06
C VAL C 101 26.24 26.76 -10.95
N ILE C 102 27.56 26.70 -10.73
CA ILE C 102 28.18 27.45 -9.65
C ILE C 102 28.91 28.69 -10.18
N MET C 103 28.77 29.80 -9.47
CA MET C 103 29.50 31.02 -9.78
C MET C 103 30.77 31.07 -8.94
N THR C 104 31.92 30.88 -9.60
CA THR C 104 33.20 30.83 -8.91
C THR C 104 33.82 32.22 -8.76
N PHE C 105 34.25 32.54 -7.55
CA PHE C 105 34.87 33.83 -7.27
C PHE C 105 36.31 33.64 -6.81
N THR C 106 36.85 32.44 -7.01
CA THR C 106 38.20 32.12 -6.56
C THR C 106 38.96 31.29 -7.58
N LYS C 107 40.18 31.71 -7.88
CA LYS C 107 41.04 30.97 -8.79
C LYS C 107 41.41 29.62 -8.18
N PRO C 108 41.74 28.64 -9.04
CA PRO C 108 42.11 27.30 -8.56
C PRO C 108 43.33 27.37 -7.63
N TYR C 109 43.10 27.09 -6.34
CA TYR C 109 44.16 27.14 -5.36
C TYR C 109 45.31 26.18 -5.70
N LYS C 110 46.50 26.75 -5.89
CA LYS C 110 47.68 25.96 -6.22
C LYS C 110 48.85 26.32 -5.30
N LEU C 111 49.67 25.33 -5.00
CA LEU C 111 50.85 25.54 -4.17
C LEU C 111 51.84 26.49 -4.86
N PRO C 112 52.75 27.08 -4.08
CA PRO C 112 53.78 27.96 -4.63
C PRO C 112 54.49 27.31 -5.81
N ASN C 113 54.62 25.99 -5.78
CA ASN C 113 55.20 25.23 -6.86
C ASN C 113 54.42 25.44 -8.16
N GLY C 114 53.09 25.42 -8.04
CA GLY C 114 52.23 25.56 -9.20
C GLY C 114 51.34 24.34 -9.37
N GLU C 115 51.80 23.22 -8.83
CA GLU C 115 51.05 21.98 -8.88
C GLU C 115 49.74 22.10 -8.11
N PRO C 116 48.69 21.42 -8.58
CA PRO C 116 47.37 21.46 -7.94
C PRO C 116 47.38 20.86 -6.55
N ASN C 117 46.75 21.54 -5.60
CA ASN C 117 46.68 21.05 -4.23
C ASN C 117 45.71 19.87 -4.11
N HIS C 118 46.18 18.76 -3.56
CA HIS C 118 45.39 17.55 -3.46
C HIS C 118 44.91 17.28 -2.04
N LEU C 119 45.11 18.26 -1.16
CA LEU C 119 44.70 18.11 0.23
C LEU C 119 43.19 18.35 0.40
N ILE C 120 42.54 17.47 1.13
CA ILE C 120 41.11 17.58 1.39
C ILE C 120 40.83 18.52 2.56
N TYR C 121 40.13 19.61 2.28
CA TYR C 121 39.81 20.61 3.31
C TYR C 121 38.87 20.04 4.37
N PHE C 122 39.17 20.32 5.62
CA PHE C 122 38.34 19.86 6.73
C PHE C 122 37.70 21.04 7.46
N PRO C 123 36.36 21.13 7.38
CA PRO C 123 35.60 22.19 8.06
C PRO C 123 35.83 22.17 9.57
N LYS C 124 35.88 23.35 10.19
CA LYS C 124 36.09 23.47 11.63
C LYS C 124 37.46 22.95 12.04
N ALA C 125 38.48 23.26 11.25
CA ALA C 125 39.85 22.87 11.56
C ALA C 125 40.81 24.03 11.28
N ASP C 126 40.89 24.96 12.22
CA ASP C 126 41.70 26.16 12.06
C ASP C 126 43.18 25.85 11.90
N GLY C 127 43.65 24.83 12.61
CA GLY C 127 45.05 24.43 12.52
C GLY C 127 45.39 23.87 11.15
N TYR C 128 44.69 22.81 10.77
CA TYR C 128 44.87 22.19 9.46
C TYR C 128 44.73 23.23 8.35
N ARG C 129 43.75 24.11 8.50
CA ARG C 129 43.52 25.18 7.54
C ARG C 129 44.74 26.09 7.42
N ARG C 130 45.16 26.65 8.56
CA ARG C 130 46.27 27.58 8.59
C ARG C 130 47.56 26.95 8.07
N ARG C 131 47.68 25.64 8.25
CA ARG C 131 48.89 24.94 7.82
C ARG C 131 48.87 24.57 6.34
N ASN C 132 47.69 24.30 5.80
CA ASN C 132 47.55 23.88 4.41
C ASN C 132 46.93 24.93 3.51
N PHE C 133 45.81 25.50 3.94
CA PHE C 133 45.12 26.52 3.17
C PHE C 133 45.15 27.88 3.87
N PRO C 134 46.21 28.67 3.62
CA PRO C 134 46.37 29.99 4.24
C PRO C 134 45.34 30.99 3.74
N LYS C 135 45.13 31.04 2.43
CA LYS C 135 44.18 31.98 1.85
C LYS C 135 43.83 31.63 0.40
N PHE C 136 42.71 32.17 -0.07
CA PHE C 136 42.26 31.94 -1.44
C PHE C 136 42.34 33.23 -2.25
N GLN C 137 42.83 33.13 -3.48
CA GLN C 137 42.94 34.28 -4.37
C GLN C 137 41.65 34.49 -5.15
N LYS C 138 41.07 35.68 -5.01
CA LYS C 138 39.81 36.00 -5.68
C LYS C 138 40.02 36.31 -7.16
N THR C 139 38.98 36.07 -7.94
CA THR C 139 39.01 36.32 -9.37
C THR C 139 37.63 36.72 -9.87
N ASP C 140 37.59 37.55 -10.92
CA ASP C 140 36.33 37.99 -11.50
C ASP C 140 35.39 36.80 -11.69
N PHE C 141 34.25 36.84 -11.00
CA PHE C 141 33.32 35.73 -11.00
C PHE C 141 32.90 35.29 -12.40
N TYR C 142 32.81 33.99 -12.60
CA TYR C 142 32.39 33.42 -13.88
C TYR C 142 31.55 32.17 -13.66
N MET C 143 30.47 32.04 -14.43
CA MET C 143 29.57 30.91 -14.30
C MET C 143 30.18 29.63 -14.86
N GLU C 144 30.14 28.56 -14.07
CA GLU C 144 30.70 27.29 -14.48
C GLU C 144 29.85 26.12 -13.98
N GLU C 145 29.55 25.17 -14.86
CA GLU C 145 28.79 24.00 -14.48
C GLU C 145 29.71 22.90 -13.95
N VAL C 146 29.33 22.31 -12.82
CA VAL C 146 30.15 21.28 -12.18
C VAL C 146 29.27 20.18 -11.58
N PRO C 147 29.66 18.92 -11.81
CA PRO C 147 28.94 17.77 -11.25
C PRO C 147 28.77 17.88 -9.74
N VAL C 148 27.67 17.34 -9.22
CA VAL C 148 27.38 17.39 -7.80
C VAL C 148 28.42 16.61 -6.98
N THR C 149 28.99 15.58 -7.59
CA THR C 149 29.96 14.73 -6.91
C THR C 149 31.24 15.49 -6.56
N ALA C 150 31.53 16.54 -7.32
CA ALA C 150 32.75 17.31 -7.12
C ALA C 150 32.74 18.08 -5.80
N ILE C 151 31.55 18.53 -5.38
CA ILE C 151 31.41 19.27 -4.14
C ILE C 151 31.94 18.48 -2.95
N GLU C 152 32.81 19.10 -2.17
CA GLU C 152 33.42 18.45 -1.01
C GLU C 152 33.01 19.10 0.31
N VAL C 153 32.77 20.41 0.27
CA VAL C 153 32.44 21.15 1.48
C VAL C 153 31.23 22.06 1.28
N ILE C 154 30.33 22.05 2.26
CA ILE C 154 29.15 22.90 2.23
C ILE C 154 29.13 23.84 3.43
N THR C 155 29.22 25.14 3.16
CA THR C 155 29.26 26.14 4.22
C THR C 155 27.85 26.51 4.68
N LYS C 156 27.73 26.92 5.94
CA LYS C 156 26.44 27.32 6.50
C LYS C 156 26.05 28.70 6.03
N ARG C 157 27.04 29.56 5.80
CA ARG C 157 26.80 30.92 5.34
C ARG C 157 26.18 30.92 3.95
N LYS C 158 25.30 31.89 3.69
CA LYS C 158 24.63 32.01 2.41
C LYS C 158 24.58 33.45 1.93
N PHE C 159 24.46 33.63 0.61
CA PHE C 159 24.38 34.96 0.03
C PHE C 159 22.93 35.36 -0.19
N ALA C 160 22.50 36.40 0.53
CA ALA C 160 21.11 36.84 0.50
C ALA C 160 20.69 37.39 -0.86
N ALA C 161 21.43 38.38 -1.35
CA ALA C 161 21.10 39.03 -2.61
C ALA C 161 21.02 38.04 -3.77
N PRO C 162 20.02 38.21 -4.64
CA PRO C 162 19.86 37.35 -5.83
C PRO C 162 21.08 37.40 -6.74
N LEU C 163 21.49 36.23 -7.23
CA LEU C 163 22.67 36.14 -8.09
C LEU C 163 22.42 36.81 -9.44
N GLY C 164 21.17 36.85 -9.85
CA GLY C 164 20.80 37.46 -11.12
C GLY C 164 21.23 38.90 -11.22
N LYS C 165 21.01 39.66 -10.15
CA LYS C 165 21.40 41.07 -10.10
C LYS C 165 22.91 41.22 -10.23
N VAL C 166 23.64 40.32 -9.59
CA VAL C 166 25.10 40.33 -9.65
C VAL C 166 25.59 40.04 -11.05
N ILE C 167 24.93 39.10 -11.72
CA ILE C 167 25.28 38.74 -13.09
C ILE C 167 25.03 39.91 -14.04
N LYS C 168 24.08 40.77 -13.69
CA LYS C 168 23.76 41.93 -14.50
C LYS C 168 24.73 43.07 -14.24
N LYS C 169 25.70 42.82 -13.36
CA LYS C 169 26.72 43.81 -13.02
C LYS C 169 26.13 45.07 -12.39
N ASP C 170 25.08 44.88 -11.59
CA ASP C 170 24.45 46.00 -10.89
C ASP C 170 25.27 46.41 -9.68
N VAL C 171 25.63 47.69 -9.61
CA VAL C 171 26.46 48.21 -8.53
C VAL C 171 25.91 47.84 -7.15
N ALA C 172 24.59 47.94 -7.01
CA ALA C 172 23.94 47.63 -5.74
C ALA C 172 24.21 46.20 -5.30
N ALA C 173 24.23 45.28 -6.26
CA ALA C 173 24.48 43.87 -5.96
C ALA C 173 25.97 43.57 -5.90
N LEU C 174 26.75 44.24 -6.74
CA LEU C 174 28.19 44.04 -6.78
C LEU C 174 28.87 44.51 -5.50
N ASN C 175 28.27 45.51 -4.85
CA ASN C 175 28.79 46.00 -3.58
C ASN C 175 28.70 44.94 -2.49
N GLU C 176 27.51 44.42 -2.28
CA GLU C 176 27.28 43.38 -1.28
C GLU C 176 28.04 42.11 -1.64
N PHE C 177 28.09 41.79 -2.92
CA PHE C 177 28.81 40.61 -3.40
C PHE C 177 30.29 40.70 -3.07
N ASN C 178 30.92 41.77 -3.52
CA ASN C 178 32.34 41.99 -3.26
C ASN C 178 32.64 42.06 -1.76
N ALA C 179 31.77 42.74 -1.02
CA ALA C 179 31.94 42.85 0.43
C ALA C 179 31.93 41.49 1.10
N GLU C 180 30.91 40.69 0.80
CA GLU C 180 30.77 39.36 1.38
C GLU C 180 31.94 38.47 0.98
N THR C 181 32.34 38.56 -0.29
CA THR C 181 33.46 37.77 -0.79
C THR C 181 34.74 38.09 -0.03
N ASN C 182 35.12 39.37 -0.03
CA ASN C 182 36.30 39.81 0.70
C ASN C 182 36.23 39.43 2.17
N ASN C 183 35.01 39.44 2.72
CA ASN C 183 34.79 39.01 4.09
C ASN C 183 35.16 37.53 4.26
N ILE C 184 34.71 36.70 3.33
CA ILE C 184 35.00 35.28 3.38
C ILE C 184 36.47 35.01 3.11
N LEU C 185 37.15 35.97 2.48
CA LEU C 185 38.57 35.85 2.18
C LEU C 185 39.41 36.25 3.38
N ASP C 186 38.90 37.20 4.17
CA ASP C 186 39.61 37.62 5.39
C ASP C 186 39.76 36.44 6.34
N GLY C 187 38.65 35.75 6.60
CA GLY C 187 38.67 34.56 7.43
C GLY C 187 38.41 33.34 6.57
N LYS C 188 39.44 32.50 6.39
CA LYS C 188 39.35 31.39 5.47
C LYS C 188 38.60 30.18 6.04
N THR C 189 38.54 30.08 7.36
CA THR C 189 37.90 28.93 8.01
C THR C 189 36.41 28.84 7.68
N LEU C 190 35.95 27.61 7.45
CA LEU C 190 34.55 27.37 7.11
C LEU C 190 33.97 26.25 7.96
N LYS C 191 32.67 26.33 8.23
CA LYS C 191 31.99 25.33 9.03
C LYS C 191 30.91 24.61 8.23
N GLU C 192 30.98 23.28 8.21
CA GLU C 192 30.01 22.48 7.47
C GLU C 192 28.93 21.93 8.38
N ALA C 193 27.68 22.05 7.93
CA ALA C 193 26.54 21.56 8.71
C ALA C 193 25.41 21.14 7.78
N ILE C 194 25.22 19.82 7.62
CA ILE C 194 24.19 19.30 6.74
C ILE C 194 23.06 18.65 7.53
N ASN C 195 21.87 19.24 7.44
CA ASN C 195 20.70 18.71 8.11
C ASN C 195 20.02 17.61 7.31
N ILE C 196 20.63 16.43 7.29
CA ILE C 196 20.11 15.30 6.52
C ILE C 196 19.21 14.41 7.38
N GLU C 197 18.76 14.94 8.52
CA GLU C 197 17.89 14.18 9.41
C GLU C 197 16.46 14.13 8.86
N LYS C 198 16.16 15.01 7.92
CA LYS C 198 14.84 15.08 7.32
C LYS C 198 14.50 13.80 6.58
N GLN C 199 15.41 13.37 5.71
CA GLN C 199 15.20 12.15 4.93
C GLN C 199 16.52 11.44 4.66
N GLY C 200 16.43 10.16 4.30
CA GLY C 200 17.61 9.36 4.00
C GLY C 200 17.93 8.36 5.09
N LEU C 201 18.39 7.19 4.69
CA LEU C 201 18.76 6.14 5.64
C LEU C 201 20.24 5.78 5.50
N LYS C 202 20.75 5.83 4.28
CA LYS C 202 22.15 5.54 4.00
C LYS C 202 23.01 6.77 4.22
N ILE C 203 22.40 7.95 4.09
CA ILE C 203 23.11 9.21 4.29
C ILE C 203 23.76 9.27 5.67
N HIS C 204 22.98 8.94 6.69
CA HIS C 204 23.48 8.96 8.06
C HIS C 204 24.64 7.98 8.24
N GLN C 205 24.54 6.82 7.58
CA GLN C 205 25.58 5.81 7.65
C GLN C 205 26.88 6.33 7.05
N ILE C 206 26.77 6.93 5.86
CA ILE C 206 27.93 7.49 5.18
C ILE C 206 28.54 8.62 6.01
N LEU C 207 27.69 9.41 6.66
CA LEU C 207 28.15 10.48 7.53
C LEU C 207 28.94 9.94 8.70
N LEU C 208 28.40 8.93 9.37
CA LEU C 208 29.07 8.31 10.51
C LEU C 208 30.41 7.73 10.08
N ASP C 209 30.41 7.00 8.96
CA ASP C 209 31.62 6.40 8.43
C ASP C 209 32.69 7.48 8.16
N ARG C 210 32.29 8.54 7.48
CA ARG C 210 33.20 9.62 7.12
C ARG C 210 33.77 10.30 8.37
N THR C 211 32.90 10.53 9.35
CA THR C 211 33.32 11.15 10.61
C THR C 211 34.30 10.25 11.34
N ASN C 212 34.09 8.94 11.26
CA ASN C 212 35.03 7.99 11.85
C ASN C 212 36.39 8.05 11.16
N ILE C 213 36.37 8.02 9.82
CA ILE C 213 37.60 8.12 9.03
C ILE C 213 38.34 9.40 9.38
N ARG C 214 37.59 10.47 9.62
CA ARG C 214 38.19 11.76 9.97
C ARG C 214 38.82 11.72 11.36
N ASP C 215 38.09 11.15 12.31
CA ASP C 215 38.58 11.01 13.68
C ASP C 215 39.87 10.21 13.71
N GLU C 216 39.94 9.17 12.88
CA GLU C 216 41.13 8.34 12.79
C GLU C 216 42.23 9.07 12.03
N ILE C 217 41.83 9.99 11.16
CA ILE C 217 42.79 10.75 10.36
C ILE C 217 43.52 11.81 11.19
N PHE C 218 42.74 12.65 11.88
CA PHE C 218 43.30 13.69 12.73
C PHE C 218 44.06 13.10 13.92
N LYS C 219 43.94 11.79 14.11
CA LYS C 219 44.64 11.10 15.19
C LYS C 219 46.10 10.84 14.80
N LEU C 220 46.39 11.00 13.52
CA LEU C 220 47.75 10.79 13.02
C LEU C 220 48.68 11.91 13.44
N LYS C 221 49.94 11.82 13.03
CA LYS C 221 50.94 12.83 13.38
C LYS C 221 51.22 13.77 12.21
N SER C 222 51.06 13.26 10.99
CA SER C 222 51.30 14.05 9.79
C SER C 222 50.28 15.17 9.65
N ILE C 223 49.16 15.03 10.35
CA ILE C 223 48.08 16.01 10.28
C ILE C 223 48.51 17.34 10.90
N LYS C 224 49.50 17.30 11.78
CA LYS C 224 49.96 18.50 12.48
C LYS C 224 51.13 19.15 11.78
N CYS C 225 51.63 18.51 10.72
CA CYS C 225 52.78 19.04 9.97
C CYS C 225 52.42 20.30 9.21
N PRO C 226 53.30 21.32 9.31
CA PRO C 226 53.12 22.59 8.59
C PRO C 226 53.26 22.44 7.08
N ASN C 227 54.17 21.57 6.64
CA ASN C 227 54.42 21.39 5.21
C ASN C 227 53.87 20.09 4.65
N LEU C 228 52.78 19.61 5.23
CA LEU C 228 52.15 18.38 4.77
C LEU C 228 51.68 18.51 3.32
N SER C 229 51.21 19.70 2.97
CA SER C 229 50.69 19.97 1.64
C SER C 229 51.72 19.69 0.55
N GLN C 230 52.98 19.96 0.85
CA GLN C 230 54.06 19.75 -0.11
C GLN C 230 54.64 18.35 0.00
N HIS C 231 54.43 17.70 1.15
CA HIS C 231 54.96 16.37 1.38
C HIS C 231 54.03 15.29 0.86
N ILE C 232 52.78 15.66 0.59
CA ILE C 232 51.79 14.71 0.08
C ILE C 232 51.90 14.55 -1.43
N VAL C 233 52.53 15.52 -2.09
CA VAL C 233 52.65 15.51 -3.54
C VAL C 233 53.30 14.24 -4.10
N PRO C 234 54.50 13.89 -3.61
CA PRO C 234 55.20 12.72 -4.14
C PRO C 234 54.42 11.42 -3.94
N LYS C 235 53.90 11.22 -2.73
CA LYS C 235 53.11 10.03 -2.43
C LYS C 235 51.86 9.97 -3.29
N PHE C 236 51.29 11.14 -3.58
CA PHE C 236 50.09 11.22 -4.40
C PHE C 236 50.38 10.81 -5.83
N LYS C 237 51.43 11.39 -6.41
CA LYS C 237 51.84 11.06 -7.76
C LYS C 237 52.16 9.57 -7.89
N ALA C 238 52.87 9.05 -6.90
CA ALA C 238 53.21 7.63 -6.86
C ALA C 238 51.95 6.78 -6.83
N HIS C 239 50.95 7.25 -6.10
CA HIS C 239 49.67 6.54 -6.01
C HIS C 239 48.99 6.46 -7.36
N VAL C 240 48.83 7.61 -8.01
CA VAL C 240 48.21 7.68 -9.32
C VAL C 240 48.92 6.76 -10.31
N ILE C 241 50.22 6.94 -10.46
CA ILE C 241 51.02 6.13 -11.35
C ILE C 241 50.85 4.64 -11.05
N LYS C 242 50.89 4.30 -9.76
CA LYS C 242 50.74 2.91 -9.33
C LYS C 242 49.42 2.32 -9.83
N LYS C 243 48.32 3.02 -9.55
CA LYS C 243 47.00 2.58 -9.96
C LYS C 243 46.92 2.39 -11.47
N LYS C 244 47.48 3.36 -12.21
CA LYS C 244 47.49 3.30 -13.66
C LYS C 244 48.23 2.07 -14.16
N ILE C 245 49.37 1.78 -13.53
CA ILE C 245 50.16 0.61 -13.90
C ILE C 245 49.40 -0.68 -13.64
N GLU C 246 48.81 -0.80 -12.45
CA GLU C 246 48.02 -1.98 -12.11
C GLU C 246 46.91 -2.21 -13.12
N GLU C 247 46.32 -1.13 -13.60
CA GLU C 247 45.24 -1.21 -14.58
C GLU C 247 45.76 -1.66 -15.94
N LEU C 248 46.92 -1.15 -16.34
CA LEU C 248 47.51 -1.46 -17.63
C LEU C 248 47.96 -2.92 -17.74
N TYR C 249 48.15 -3.57 -16.58
CA TYR C 249 48.55 -4.97 -16.57
C TYR C 249 47.33 -5.89 -16.57
N HIS C 250 46.14 -5.30 -16.73
CA HIS C 250 44.91 -6.06 -16.86
C HIS C 250 44.63 -6.94 -15.63
N LEU C 251 45.08 -6.48 -14.47
CA LEU C 251 44.82 -7.21 -13.23
C LEU C 251 43.76 -6.50 -12.39
N MET C 252 42.95 -7.27 -11.68
CA MET C 252 41.89 -6.72 -10.85
C MET C 252 41.43 -7.72 -9.80
N THR D 8 -15.35 -9.67 35.94
CA THR D 8 -14.31 -9.70 34.92
C THR D 8 -14.44 -8.52 33.97
N LEU D 9 -13.31 -7.91 33.62
CA LEU D 9 -13.31 -6.77 32.71
C LEU D 9 -13.49 -7.21 31.26
N GLN D 10 -13.48 -8.52 31.04
CA GLN D 10 -13.65 -9.07 29.70
C GLN D 10 -14.57 -10.28 29.70
N PRO D 11 -15.88 -10.04 29.89
CA PRO D 11 -16.90 -11.10 29.93
C PRO D 11 -16.96 -11.91 28.64
N GLU D 12 -17.15 -11.22 27.52
CA GLU D 12 -17.26 -11.88 26.23
C GLU D 12 -16.06 -12.79 25.95
N HIS D 13 -14.86 -12.24 26.15
CA HIS D 13 -13.63 -13.00 25.97
C HIS D 13 -13.69 -14.30 26.75
N GLU D 14 -13.96 -14.20 28.05
CA GLU D 14 -14.03 -15.37 28.92
C GLU D 14 -15.06 -16.39 28.42
N LYS D 15 -16.25 -15.91 28.06
CA LYS D 15 -17.31 -16.78 27.59
C LYS D 15 -16.89 -17.56 26.36
N GLN D 16 -16.49 -16.83 25.32
CA GLN D 16 -16.08 -17.46 24.06
C GLN D 16 -14.91 -18.43 24.26
N ILE D 17 -13.91 -18.00 25.03
CA ILE D 17 -12.76 -18.85 25.32
C ILE D 17 -13.21 -20.15 25.98
N LYS D 18 -14.11 -20.04 26.95
CA LYS D 18 -14.66 -21.20 27.64
C LYS D 18 -15.36 -22.13 26.66
N VAL D 19 -16.15 -21.54 25.76
CA VAL D 19 -16.86 -22.31 24.75
C VAL D 19 -15.89 -23.10 23.88
N LEU D 20 -14.87 -22.41 23.36
CA LEU D 20 -13.87 -23.05 22.51
C LEU D 20 -13.11 -24.15 23.25
N GLN D 21 -12.86 -23.92 24.55
CA GLN D 21 -12.19 -24.92 25.37
C GLN D 21 -13.04 -26.17 25.50
N GLU D 22 -14.31 -25.98 25.86
CA GLU D 22 -15.25 -27.10 25.99
C GLU D 22 -15.32 -27.88 24.68
N GLU D 23 -15.52 -27.16 23.58
CA GLU D 23 -15.59 -27.79 22.27
C GLU D 23 -14.30 -28.52 21.93
N LEU D 24 -13.19 -28.02 22.47
CA LEU D 24 -11.88 -28.62 22.23
C LEU D 24 -11.72 -29.95 22.96
N GLN D 25 -12.16 -29.97 24.21
CA GLN D 25 -12.01 -31.18 25.04
C GLN D 25 -13.15 -32.18 24.82
N THR D 26 -14.10 -31.83 23.96
CA THR D 26 -15.19 -32.72 23.64
C THR D 26 -14.97 -33.40 22.29
N ILE D 27 -13.70 -33.54 21.91
CA ILE D 27 -13.34 -34.19 20.66
C ILE D 27 -12.83 -35.61 20.91
N GLU D 28 -13.36 -36.57 20.16
CA GLU D 28 -12.97 -37.97 20.31
C GLU D 28 -11.85 -38.33 19.34
N TYR D 29 -10.80 -38.96 19.87
CA TYR D 29 -9.67 -39.38 19.05
C TYR D 29 -9.61 -40.90 18.92
N LYS D 30 -9.87 -41.40 17.72
CA LYS D 30 -9.85 -42.83 17.46
C LYS D 30 -8.41 -43.34 17.36
N SER D 31 -8.12 -44.44 18.05
CA SER D 31 -6.79 -45.01 18.05
C SER D 31 -6.47 -45.66 16.71
N CYS D 32 -5.22 -45.53 16.28
CA CYS D 32 -4.77 -46.15 15.03
C CYS D 32 -3.34 -46.66 15.14
N GLU D 33 -3.10 -47.82 14.55
CA GLU D 33 -1.78 -48.44 14.56
C GLU D 33 -0.94 -47.96 13.38
N ILE D 34 -1.29 -46.81 12.82
CA ILE D 34 -0.57 -46.27 11.68
C ILE D 34 -0.56 -44.74 11.68
N CYS D 35 -1.15 -44.15 12.71
CA CYS D 35 -1.22 -42.70 12.82
C CYS D 35 -0.82 -42.20 14.21
N ASP D 36 -1.02 -43.04 15.22
CA ASP D 36 -0.71 -42.68 16.59
C ASP D 36 0.77 -42.38 16.79
N ASN D 37 1.58 -42.77 15.81
CA ASN D 37 3.02 -42.57 15.90
C ASN D 37 3.50 -41.23 15.36
N ASP D 38 3.05 -40.87 14.15
CA ASP D 38 3.46 -39.63 13.53
C ASP D 38 2.37 -39.02 12.65
N ILE D 39 1.34 -38.47 13.29
CA ILE D 39 0.24 -37.85 12.55
C ILE D 39 0.26 -36.33 12.70
N GLU D 40 0.68 -35.85 13.86
CA GLU D 40 0.75 -34.42 14.13
C GLU D 40 1.82 -33.77 13.26
N LYS D 41 2.91 -34.49 13.03
CA LYS D 41 3.97 -34.01 12.15
C LYS D 41 3.44 -33.92 10.72
N PHE D 42 2.56 -34.85 10.35
CA PHE D 42 1.94 -34.85 9.04
C PHE D 42 1.06 -33.61 8.87
N LEU D 43 0.32 -33.27 9.92
CA LEU D 43 -0.54 -32.09 9.90
C LEU D 43 0.29 -30.82 9.81
N GLU D 44 1.36 -30.77 10.59
CA GLU D 44 2.27 -29.63 10.60
C GLU D 44 2.86 -29.40 9.22
N LEU D 45 3.54 -30.42 8.70
CA LEU D 45 4.16 -30.34 7.38
C LEU D 45 3.14 -30.09 6.28
N MET D 46 1.92 -30.57 6.49
CA MET D 46 0.85 -30.37 5.52
C MET D 46 0.45 -28.90 5.46
N LEU D 47 0.20 -28.31 6.63
CA LEU D 47 -0.13 -26.90 6.71
C LEU D 47 1.01 -26.06 6.16
N ALA D 48 2.24 -26.48 6.43
CA ALA D 48 3.42 -25.81 5.89
C ALA D 48 3.39 -25.86 4.36
N TYR D 49 3.01 -27.01 3.82
CA TYR D 49 2.90 -27.18 2.37
C TYR D 49 1.86 -26.23 1.79
N LYS D 50 0.70 -26.20 2.43
CA LYS D 50 -0.39 -25.31 2.00
C LYS D 50 0.06 -23.86 1.98
N GLU D 51 0.70 -23.43 3.07
CA GLU D 51 1.20 -22.07 3.18
C GLU D 51 2.20 -21.78 2.06
N ALA D 52 3.11 -22.72 1.83
CA ALA D 52 4.11 -22.60 0.77
C ALA D 52 3.43 -22.39 -0.58
N THR D 53 2.37 -23.16 -0.82
CA THR D 53 1.61 -23.03 -2.07
C THR D 53 0.96 -21.65 -2.17
N VAL D 54 0.39 -21.19 -1.07
CA VAL D 54 -0.24 -19.87 -1.02
C VAL D 54 0.75 -18.79 -1.40
N ASN D 55 1.89 -18.76 -0.72
CA ASN D 55 2.94 -17.79 -1.02
C ASN D 55 3.40 -17.91 -2.47
N LEU D 56 3.50 -19.15 -2.94
CA LEU D 56 3.90 -19.42 -4.32
C LEU D 56 2.96 -18.72 -5.29
N MET D 57 1.66 -18.86 -5.07
CA MET D 57 0.66 -18.23 -5.91
C MET D 57 0.69 -16.72 -5.77
N GLN D 58 0.96 -16.24 -4.57
CA GLN D 58 1.06 -14.81 -4.31
C GLN D 58 2.21 -14.18 -5.09
N GLU D 59 3.29 -14.94 -5.25
CA GLU D 59 4.46 -14.44 -5.96
C GLU D 59 4.31 -14.63 -7.46
N MET D 60 3.56 -15.65 -7.86
CA MET D 60 3.36 -15.96 -9.27
C MET D 60 2.44 -14.95 -9.95
N VAL D 61 1.44 -14.48 -9.23
CA VAL D 61 0.46 -13.54 -9.77
C VAL D 61 1.12 -12.22 -10.15
N LYS D 62 2.30 -11.97 -9.60
CA LYS D 62 3.03 -10.74 -9.89
C LYS D 62 3.49 -10.67 -11.34
N SER D 63 4.18 -11.71 -11.79
CA SER D 63 4.69 -11.76 -13.16
C SER D 63 3.56 -12.13 -14.13
N PRO D 64 3.42 -11.34 -15.21
CA PRO D 64 2.40 -11.56 -16.24
C PRO D 64 2.48 -12.96 -16.84
N SER D 65 3.62 -13.61 -16.66
CA SER D 65 3.82 -14.96 -17.20
C SER D 65 2.76 -15.92 -16.71
N ILE D 66 2.09 -15.56 -15.61
CA ILE D 66 1.03 -16.39 -15.04
C ILE D 66 -0.10 -16.59 -16.04
N LEU D 67 -0.31 -15.61 -16.91
CA LEU D 67 -1.34 -15.71 -17.95
C LEU D 67 -1.04 -16.84 -18.91
N HIS D 68 0.23 -17.16 -19.07
CA HIS D 68 0.66 -18.24 -19.94
C HIS D 68 0.57 -19.59 -19.22
N ILE D 69 0.42 -19.52 -17.89
CA ILE D 69 0.30 -20.72 -17.07
C ILE D 69 -1.17 -21.09 -16.87
N LEU D 70 -2.02 -20.07 -16.79
CA LEU D 70 -3.45 -20.28 -16.62
C LEU D 70 -4.22 -19.89 -17.87
N LYS D 71 -3.74 -20.35 -19.03
CA LYS D 71 -4.40 -20.06 -20.29
C LYS D 71 -5.83 -20.59 -20.29
N GLU D 72 -6.68 -20.01 -21.13
CA GLU D 72 -8.08 -20.42 -21.20
C GLU D 72 -8.19 -21.93 -21.39
N GLY D 73 -8.89 -22.59 -20.47
CA GLY D 73 -9.05 -24.03 -20.52
C GLY D 73 -7.96 -24.75 -19.75
N ARG D 74 -7.63 -24.22 -18.58
CA ARG D 74 -6.60 -24.80 -17.73
C ARG D 74 -7.21 -25.55 -16.55
N LEU D 75 -7.02 -26.86 -16.52
CA LEU D 75 -7.54 -27.68 -15.44
C LEU D 75 -6.79 -27.42 -14.13
N VAL D 76 -7.51 -26.95 -13.13
CA VAL D 76 -6.91 -26.64 -11.83
C VAL D 76 -7.80 -27.10 -10.68
N ALA D 77 -7.18 -27.25 -9.51
CA ALA D 77 -7.89 -27.64 -8.30
C ALA D 77 -7.82 -26.53 -7.26
N PHE D 78 -8.96 -25.88 -7.02
CA PHE D 78 -9.02 -24.78 -6.07
C PHE D 78 -9.81 -25.16 -4.82
N ARG D 79 -9.98 -24.22 -3.91
CA ARG D 79 -10.75 -24.46 -2.69
C ARG D 79 -11.76 -23.36 -2.41
N ASP D 80 -13.00 -23.75 -2.15
CA ASP D 80 -14.06 -22.82 -1.80
C ASP D 80 -13.89 -22.38 -0.34
N PRO D 81 -14.61 -21.32 0.06
CA PRO D 81 -14.52 -20.79 1.42
C PRO D 81 -14.71 -21.86 2.51
N ASN D 82 -15.22 -23.03 2.13
CA ASN D 82 -15.46 -24.10 3.09
C ASN D 82 -14.33 -25.13 3.13
N ASP D 83 -13.18 -24.76 2.59
CA ASP D 83 -12.01 -25.62 2.58
C ASP D 83 -12.29 -26.96 1.89
N CYS D 84 -13.03 -26.90 0.79
CA CYS D 84 -13.31 -28.08 -0.01
C CYS D 84 -12.56 -28.01 -1.34
N LEU D 85 -12.14 -29.16 -1.85
CA LEU D 85 -11.36 -29.19 -3.08
C LEU D 85 -12.26 -29.37 -4.31
N LYS D 86 -12.12 -28.47 -5.27
CA LYS D 86 -12.89 -28.52 -6.51
C LYS D 86 -12.00 -28.50 -7.74
N LEU D 87 -12.47 -29.11 -8.82
CA LEU D 87 -11.74 -29.10 -10.08
C LEU D 87 -12.49 -28.24 -11.11
N GLY D 88 -11.74 -27.42 -11.85
CA GLY D 88 -12.35 -26.55 -12.83
C GLY D 88 -11.42 -26.10 -13.94
N PHE D 89 -11.93 -25.30 -14.86
CA PHE D 89 -11.12 -24.77 -15.95
C PHE D 89 -10.95 -23.26 -15.82
N VAL D 90 -9.78 -22.75 -16.19
CA VAL D 90 -9.52 -21.32 -16.12
C VAL D 90 -10.14 -20.59 -17.30
N PHE D 91 -11.07 -19.69 -17.02
CA PHE D 91 -11.76 -18.93 -18.05
C PHE D 91 -11.14 -17.55 -18.24
N LYS D 92 -10.98 -16.82 -17.14
CA LYS D 92 -10.40 -15.48 -17.19
C LYS D 92 -9.53 -15.22 -15.96
N VAL D 93 -8.52 -14.36 -16.14
CA VAL D 93 -7.61 -14.02 -15.05
C VAL D 93 -7.45 -12.51 -14.90
N SER D 94 -7.58 -12.03 -13.68
CA SER D 94 -7.45 -10.60 -13.39
C SER D 94 -6.23 -10.32 -12.53
N LEU D 95 -5.25 -9.63 -13.10
CA LEU D 95 -4.02 -9.30 -12.38
C LEU D 95 -4.23 -8.17 -11.39
N LYS D 96 -5.14 -7.26 -11.71
CA LYS D 96 -5.42 -6.11 -10.86
C LYS D 96 -6.09 -6.51 -9.55
N ASP D 97 -6.93 -7.54 -9.61
CA ASP D 97 -7.66 -7.98 -8.42
C ASP D 97 -7.16 -9.33 -7.91
N ALA D 98 -6.21 -9.92 -8.64
CA ALA D 98 -5.64 -11.21 -8.27
C ALA D 98 -6.73 -12.27 -8.07
N VAL D 99 -7.70 -12.28 -8.99
CA VAL D 99 -8.78 -13.25 -8.94
C VAL D 99 -8.93 -13.96 -10.28
N CYS D 100 -9.45 -15.19 -10.25
CA CYS D 100 -9.63 -15.97 -11.47
C CYS D 100 -11.06 -16.46 -11.63
N VAL D 101 -11.58 -16.36 -12.84
CA VAL D 101 -12.92 -16.86 -13.15
C VAL D 101 -12.84 -18.31 -13.59
N ILE D 102 -13.12 -19.22 -12.66
CA ILE D 102 -13.03 -20.65 -12.94
C ILE D 102 -14.40 -21.27 -13.20
N MET D 103 -14.47 -22.11 -14.22
CA MET D 103 -15.67 -22.88 -14.51
C MET D 103 -15.56 -24.23 -13.79
N THR D 104 -16.39 -24.40 -12.77
CA THR D 104 -16.37 -25.61 -11.95
C THR D 104 -17.27 -26.69 -12.51
N PHE D 105 -16.73 -27.91 -12.62
CA PHE D 105 -17.49 -29.04 -13.14
C PHE D 105 -17.55 -30.16 -12.11
N THR D 106 -17.23 -29.84 -10.86
CA THR D 106 -17.21 -30.83 -9.79
C THR D 106 -17.73 -30.27 -8.48
N LYS D 107 -18.58 -31.04 -7.81
CA LYS D 107 -19.11 -30.65 -6.51
C LYS D 107 -17.99 -30.64 -5.47
N PRO D 108 -18.16 -29.82 -4.41
CA PRO D 108 -17.14 -29.74 -3.35
C PRO D 108 -16.89 -31.10 -2.73
N TYR D 109 -15.65 -31.58 -2.81
CA TYR D 109 -15.31 -32.90 -2.31
C TYR D 109 -15.55 -33.01 -0.82
N LYS D 110 -16.40 -33.97 -0.43
CA LYS D 110 -16.71 -34.19 0.98
C LYS D 110 -16.68 -35.67 1.31
N LEU D 111 -16.22 -35.99 2.52
CA LEU D 111 -16.16 -37.37 2.98
C LEU D 111 -17.56 -37.93 3.17
N PRO D 112 -17.67 -39.27 3.23
CA PRO D 112 -18.97 -39.93 3.46
C PRO D 112 -19.68 -39.32 4.66
N ASN D 113 -18.92 -38.90 5.65
CA ASN D 113 -19.46 -38.23 6.82
C ASN D 113 -20.23 -36.97 6.42
N GLY D 114 -19.65 -36.20 5.52
CA GLY D 114 -20.24 -34.94 5.08
C GLY D 114 -19.31 -33.78 5.34
N GLU D 115 -18.39 -33.97 6.28
CA GLU D 115 -17.41 -32.95 6.61
C GLU D 115 -16.45 -32.74 5.45
N PRO D 116 -16.00 -31.49 5.27
CA PRO D 116 -15.08 -31.13 4.17
C PRO D 116 -13.72 -31.80 4.32
N ASN D 117 -13.21 -32.38 3.23
CA ASN D 117 -11.90 -33.01 3.24
C ASN D 117 -10.80 -31.96 3.31
N HIS D 118 -9.92 -32.10 4.31
CA HIS D 118 -8.87 -31.12 4.52
C HIS D 118 -7.50 -31.60 4.03
N LEU D 119 -7.50 -32.73 3.34
CA LEU D 119 -6.25 -33.30 2.82
C LEU D 119 -5.79 -32.61 1.55
N ILE D 120 -4.49 -32.32 1.49
CA ILE D 120 -3.91 -31.67 0.32
C ILE D 120 -3.72 -32.68 -0.81
N TYR D 121 -4.06 -32.26 -2.03
CA TYR D 121 -3.94 -33.14 -3.19
C TYR D 121 -2.52 -33.13 -3.74
N PHE D 122 -1.83 -34.25 -3.59
CA PHE D 122 -0.45 -34.38 -4.07
C PHE D 122 -0.39 -34.99 -5.46
N PRO D 123 0.04 -34.19 -6.44
CA PRO D 123 0.20 -34.65 -7.83
C PRO D 123 1.20 -35.80 -7.95
N LYS D 124 1.00 -36.65 -8.94
CA LYS D 124 1.89 -37.79 -9.17
C LYS D 124 1.98 -38.71 -7.95
N ALA D 125 0.85 -38.89 -7.29
CA ALA D 125 0.79 -39.78 -6.12
C ALA D 125 -0.41 -40.71 -6.22
N ASP D 126 -0.26 -41.79 -6.99
CA ASP D 126 -1.35 -42.73 -7.23
C ASP D 126 -1.86 -43.37 -5.94
N GLY D 127 -0.95 -43.74 -5.05
CA GLY D 127 -1.32 -44.35 -3.79
C GLY D 127 -2.09 -43.40 -2.90
N TYR D 128 -1.47 -42.28 -2.57
CA TYR D 128 -2.11 -41.26 -1.74
C TYR D 128 -3.49 -40.91 -2.28
N ARG D 129 -3.58 -40.72 -3.59
CA ARG D 129 -4.85 -40.42 -4.24
C ARG D 129 -5.86 -41.52 -4.01
N ARG D 130 -5.51 -42.74 -4.40
CA ARG D 130 -6.41 -43.89 -4.29
C ARG D 130 -6.88 -44.11 -2.86
N ARG D 131 -6.08 -43.66 -1.89
CA ARG D 131 -6.42 -43.85 -0.48
C ARG D 131 -7.25 -42.70 0.08
N ASN D 132 -7.09 -41.51 -0.48
CA ASN D 132 -7.77 -40.32 0.03
C ASN D 132 -8.75 -39.70 -0.96
N PHE D 133 -8.38 -39.69 -2.24
CA PHE D 133 -9.25 -39.11 -3.27
C PHE D 133 -9.59 -40.15 -4.34
N PRO D 134 -10.49 -41.08 -4.03
CA PRO D 134 -10.90 -42.14 -4.96
C PRO D 134 -11.54 -41.58 -6.23
N LYS D 135 -12.48 -40.65 -6.09
CA LYS D 135 -13.17 -40.09 -7.24
C LYS D 135 -13.94 -38.81 -6.91
N PHE D 136 -14.02 -37.92 -7.90
CA PHE D 136 -14.80 -36.70 -7.77
C PHE D 136 -16.18 -36.88 -8.41
N GLN D 137 -17.16 -36.11 -7.95
CA GLN D 137 -18.50 -36.17 -8.50
C GLN D 137 -18.76 -35.00 -9.44
N LYS D 138 -19.20 -35.31 -10.67
CA LYS D 138 -19.46 -34.28 -11.67
C LYS D 138 -20.73 -33.51 -11.36
N THR D 139 -20.74 -32.23 -11.72
CA THR D 139 -21.90 -31.37 -11.49
C THR D 139 -22.05 -30.37 -12.64
N ASP D 140 -23.29 -29.99 -12.94
CA ASP D 140 -23.57 -29.01 -13.97
C ASP D 140 -22.64 -27.80 -13.80
N PHE D 141 -21.81 -27.56 -14.82
CA PHE D 141 -20.80 -26.51 -14.74
C PHE D 141 -21.40 -25.15 -14.42
N TYR D 142 -20.73 -24.40 -13.56
CA TYR D 142 -21.15 -23.06 -13.19
C TYR D 142 -19.95 -22.15 -12.96
N MET D 143 -20.03 -20.93 -13.46
CA MET D 143 -18.94 -19.98 -13.33
C MET D 143 -18.80 -19.47 -11.89
N GLU D 144 -17.56 -19.42 -11.41
CA GLU D 144 -17.29 -18.97 -10.04
C GLU D 144 -15.95 -18.26 -9.96
N GLU D 145 -15.94 -17.09 -9.31
CA GLU D 145 -14.71 -16.34 -9.12
C GLU D 145 -14.00 -16.77 -7.85
N VAL D 146 -12.70 -17.05 -7.96
CA VAL D 146 -11.92 -17.51 -6.82
C VAL D 146 -10.53 -16.88 -6.83
N PRO D 147 -10.06 -16.43 -5.64
CA PRO D 147 -8.74 -15.82 -5.52
C PRO D 147 -7.63 -16.78 -5.97
N VAL D 148 -6.59 -16.23 -6.59
CA VAL D 148 -5.49 -17.03 -7.11
C VAL D 148 -4.83 -17.87 -6.02
N THR D 149 -4.86 -17.36 -4.79
CA THR D 149 -4.22 -18.03 -3.66
C THR D 149 -4.86 -19.38 -3.35
N ALA D 150 -6.13 -19.53 -3.72
CA ALA D 150 -6.87 -20.75 -3.41
C ALA D 150 -6.42 -21.94 -4.26
N ILE D 151 -5.85 -21.64 -5.43
CA ILE D 151 -5.37 -22.69 -6.32
C ILE D 151 -4.26 -23.51 -5.67
N GLU D 152 -4.43 -24.82 -5.64
CA GLU D 152 -3.45 -25.72 -5.03
C GLU D 152 -2.70 -26.55 -6.06
N VAL D 153 -3.40 -26.96 -7.11
CA VAL D 153 -2.81 -27.81 -8.14
C VAL D 153 -3.03 -27.26 -9.54
N ILE D 154 -1.96 -27.21 -10.34
CA ILE D 154 -2.04 -26.77 -11.72
C ILE D 154 -1.63 -27.90 -12.65
N THR D 155 -2.62 -28.66 -13.13
CA THR D 155 -2.37 -29.82 -13.98
C THR D 155 -1.85 -29.39 -15.36
N LYS D 156 -1.27 -30.33 -16.09
CA LYS D 156 -0.74 -30.08 -17.42
C LYS D 156 -1.83 -30.16 -18.48
N ARG D 157 -2.89 -30.90 -18.17
CA ARG D 157 -4.01 -31.07 -19.09
C ARG D 157 -4.70 -29.73 -19.37
N LYS D 158 -5.09 -29.53 -20.62
CA LYS D 158 -5.76 -28.30 -21.03
C LYS D 158 -6.93 -28.59 -21.96
N PHE D 159 -7.93 -27.71 -21.93
CA PHE D 159 -9.11 -27.86 -22.78
C PHE D 159 -8.98 -27.00 -24.03
N ALA D 160 -8.90 -27.65 -25.18
CA ALA D 160 -8.68 -26.95 -26.45
C ALA D 160 -9.84 -26.05 -26.84
N ALA D 161 -11.03 -26.63 -26.94
CA ALA D 161 -12.22 -25.88 -27.37
C ALA D 161 -12.46 -24.65 -26.52
N PRO D 162 -12.80 -23.52 -27.17
CA PRO D 162 -13.10 -22.27 -26.47
C PRO D 162 -14.23 -22.43 -25.47
N LEU D 163 -14.02 -21.95 -24.24
CA LEU D 163 -15.02 -22.07 -23.19
C LEU D 163 -16.30 -21.30 -23.53
N GLY D 164 -16.14 -20.21 -24.26
CA GLY D 164 -17.27 -19.37 -24.66
C GLY D 164 -18.39 -20.18 -25.29
N LYS D 165 -18.03 -21.05 -26.22
CA LYS D 165 -19.01 -21.89 -26.90
C LYS D 165 -19.71 -22.81 -25.92
N VAL D 166 -18.97 -23.28 -24.92
CA VAL D 166 -19.54 -24.15 -23.88
C VAL D 166 -20.54 -23.38 -23.03
N ILE D 167 -20.23 -22.12 -22.75
CA ILE D 167 -21.12 -21.27 -21.96
C ILE D 167 -22.44 -21.07 -22.69
N LYS D 168 -22.37 -20.94 -24.01
CA LYS D 168 -23.56 -20.75 -24.83
C LYS D 168 -24.34 -22.05 -24.97
N LYS D 169 -23.78 -23.13 -24.43
CA LYS D 169 -24.42 -24.44 -24.44
C LYS D 169 -24.56 -25.02 -25.86
N ASP D 170 -23.54 -24.82 -26.69
CA ASP D 170 -23.54 -25.40 -28.02
C ASP D 170 -23.22 -26.88 -27.96
N VAL D 171 -24.05 -27.69 -28.62
CA VAL D 171 -23.90 -29.14 -28.60
C VAL D 171 -22.50 -29.59 -28.98
N ALA D 172 -21.95 -28.99 -30.03
CA ALA D 172 -20.62 -29.35 -30.52
C ALA D 172 -19.56 -29.18 -29.44
N ALA D 173 -19.71 -28.13 -28.64
CA ALA D 173 -18.75 -27.84 -27.57
C ALA D 173 -19.08 -28.62 -26.30
N LEU D 174 -20.36 -28.86 -26.07
CA LEU D 174 -20.80 -29.58 -24.87
C LEU D 174 -20.45 -31.06 -24.93
N ASN D 175 -20.42 -31.62 -26.13
CA ASN D 175 -20.02 -33.02 -26.30
C ASN D 175 -18.56 -33.20 -25.94
N GLU D 176 -17.72 -32.29 -26.43
CA GLU D 176 -16.29 -32.33 -26.14
C GLU D 176 -16.02 -32.02 -24.68
N PHE D 177 -16.80 -31.10 -24.11
CA PHE D 177 -16.67 -30.74 -22.70
C PHE D 177 -17.00 -31.93 -21.81
N ASN D 178 -18.16 -32.54 -22.05
CA ASN D 178 -18.59 -33.70 -21.27
C ASN D 178 -17.64 -34.89 -21.45
N ALA D 179 -17.20 -35.11 -22.68
CA ALA D 179 -16.27 -36.20 -22.97
C ALA D 179 -14.96 -36.01 -22.21
N GLU D 180 -14.40 -34.80 -22.30
CA GLU D 180 -13.15 -34.48 -21.64
C GLU D 180 -13.28 -34.61 -20.13
N THR D 181 -14.36 -34.05 -19.59
CA THR D 181 -14.62 -34.11 -18.16
C THR D 181 -14.72 -35.54 -17.66
N ASN D 182 -15.60 -36.32 -18.28
CA ASN D 182 -15.75 -37.72 -17.93
C ASN D 182 -14.44 -38.48 -18.06
N ASN D 183 -13.62 -38.06 -19.02
CA ASN D 183 -12.29 -38.64 -19.19
C ASN D 183 -11.42 -38.33 -17.96
N ILE D 184 -11.52 -37.11 -17.48
CA ILE D 184 -10.75 -36.67 -16.31
C ILE D 184 -11.24 -37.32 -15.03
N LEU D 185 -12.51 -37.70 -14.98
CA LEU D 185 -13.09 -38.27 -13.78
C LEU D 185 -12.94 -39.79 -13.69
N ASP D 186 -13.15 -40.47 -14.81
CA ASP D 186 -13.04 -41.93 -14.85
C ASP D 186 -11.70 -42.39 -14.27
N GLY D 187 -10.61 -41.94 -14.88
CA GLY D 187 -9.27 -42.24 -14.40
C GLY D 187 -8.45 -40.97 -14.30
N LYS D 188 -8.25 -40.51 -13.08
CA LYS D 188 -7.56 -39.23 -12.87
C LYS D 188 -6.25 -39.36 -12.12
N THR D 189 -5.17 -38.91 -12.77
CA THR D 189 -3.87 -38.82 -12.13
C THR D 189 -3.24 -37.47 -12.46
N LEU D 190 -3.59 -36.46 -11.68
CA LEU D 190 -3.17 -35.09 -11.94
C LEU D 190 -1.68 -34.88 -11.73
N LYS D 191 -0.98 -34.56 -12.82
CA LYS D 191 0.45 -34.27 -12.76
C LYS D 191 0.70 -32.77 -12.88
N GLU D 192 1.24 -32.18 -11.82
CA GLU D 192 1.49 -30.74 -11.79
C GLU D 192 2.88 -30.39 -12.30
N ALA D 193 2.94 -29.60 -13.36
CA ALA D 193 4.21 -29.16 -13.92
C ALA D 193 4.18 -27.65 -14.18
N ILE D 194 5.12 -26.94 -13.58
CA ILE D 194 5.18 -25.48 -13.72
C ILE D 194 6.51 -25.02 -14.29
N ASN D 195 6.46 -24.33 -15.43
CA ASN D 195 7.66 -23.79 -16.06
C ASN D 195 8.03 -22.43 -15.47
N ILE D 196 8.50 -22.44 -14.22
CA ILE D 196 8.85 -21.22 -13.52
C ILE D 196 10.25 -20.74 -13.87
N GLU D 197 10.90 -21.45 -14.79
CA GLU D 197 12.26 -21.11 -15.20
C GLU D 197 12.26 -19.84 -16.06
N LYS D 198 11.10 -19.47 -16.58
CA LYS D 198 10.96 -18.29 -17.42
C LYS D 198 11.37 -17.02 -16.68
N GLN D 199 10.76 -16.79 -15.53
CA GLN D 199 11.05 -15.60 -14.74
C GLN D 199 10.82 -15.87 -13.24
N GLY D 200 11.36 -14.99 -12.40
CA GLY D 200 11.21 -15.12 -10.97
C GLY D 200 12.44 -15.71 -10.31
N LEU D 201 12.71 -15.27 -9.08
CA LEU D 201 13.87 -15.77 -8.34
C LEU D 201 13.41 -16.47 -7.05
N LYS D 202 12.47 -15.85 -6.35
CA LYS D 202 11.95 -16.42 -5.11
C LYS D 202 11.08 -17.64 -5.40
N ILE D 203 10.49 -17.67 -6.60
CA ILE D 203 9.64 -18.77 -7.00
C ILE D 203 10.36 -20.11 -6.88
N HIS D 204 11.58 -20.17 -7.42
CA HIS D 204 12.37 -21.39 -7.37
C HIS D 204 12.66 -21.81 -5.93
N GLN D 205 12.92 -20.83 -5.07
CA GLN D 205 13.19 -21.09 -3.66
C GLN D 205 11.96 -21.71 -2.99
N ILE D 206 10.79 -21.11 -3.26
CA ILE D 206 9.55 -21.62 -2.70
C ILE D 206 9.26 -23.03 -3.20
N LEU D 207 9.57 -23.27 -4.47
CA LEU D 207 9.39 -24.59 -5.06
C LEU D 207 10.27 -25.63 -4.38
N LEU D 208 11.55 -25.30 -4.22
CA LEU D 208 12.49 -26.19 -3.57
C LEU D 208 12.07 -26.48 -2.13
N ASP D 209 11.66 -25.43 -1.42
CA ASP D 209 11.21 -25.57 -0.05
C ASP D 209 10.00 -26.50 0.04
N ARG D 210 9.01 -26.25 -0.81
CA ARG D 210 7.79 -27.06 -0.83
C ARG D 210 8.10 -28.52 -1.14
N THR D 211 8.97 -28.74 -2.12
CA THR D 211 9.38 -30.09 -2.50
C THR D 211 10.09 -30.77 -1.35
N ASN D 212 10.84 -30.00 -0.57
CA ASN D 212 11.49 -30.53 0.62
C ASN D 212 10.47 -30.97 1.66
N ILE D 213 9.50 -30.09 1.92
CA ILE D 213 8.43 -30.39 2.86
C ILE D 213 7.69 -31.66 2.43
N ARG D 214 7.52 -31.82 1.12
CA ARG D 214 6.85 -33.00 0.58
C ARG D 214 7.69 -34.25 0.78
N ASP D 215 8.98 -34.17 0.44
CA ASP D 215 9.90 -35.29 0.61
C ASP D 215 9.95 -35.73 2.06
N GLU D 216 9.78 -34.78 2.98
CA GLU D 216 9.82 -35.08 4.41
C GLU D 216 8.47 -35.64 4.90
N ILE D 217 7.38 -35.17 4.31
CA ILE D 217 6.05 -35.58 4.75
C ILE D 217 5.70 -36.98 4.24
N PHE D 218 6.20 -37.33 3.06
CA PHE D 218 5.95 -38.66 2.50
C PHE D 218 6.84 -39.71 3.14
N LYS D 219 7.66 -39.30 4.10
CA LYS D 219 8.53 -40.21 4.80
C LYS D 219 7.85 -40.79 6.04
N LEU D 220 6.77 -40.14 6.46
CA LEU D 220 6.02 -40.60 7.63
C LEU D 220 5.25 -41.89 7.33
N LYS D 221 4.57 -42.40 8.36
CA LYS D 221 3.83 -43.65 8.22
C LYS D 221 2.33 -43.39 8.08
N SER D 222 1.88 -42.25 8.56
CA SER D 222 0.47 -41.87 8.49
C SER D 222 0.05 -41.61 7.04
N ILE D 223 1.03 -41.33 6.20
CA ILE D 223 0.77 -41.04 4.79
C ILE D 223 0.23 -42.26 4.05
N LYS D 224 0.60 -43.45 4.52
CA LYS D 224 0.22 -44.69 3.87
C LYS D 224 -1.12 -45.21 4.37
N CYS D 225 -1.64 -44.60 5.43
CA CYS D 225 -2.91 -45.02 6.01
C CYS D 225 -4.09 -44.76 5.07
N PRO D 226 -4.89 -45.81 4.82
CA PRO D 226 -6.08 -45.72 3.96
C PRO D 226 -7.13 -44.76 4.52
N ASN D 227 -7.29 -44.74 5.84
CA ASN D 227 -8.30 -43.90 6.47
C ASN D 227 -7.74 -42.58 7.01
N LEU D 228 -6.61 -42.16 6.46
CA LEU D 228 -5.96 -40.92 6.88
C LEU D 228 -6.92 -39.74 6.79
N SER D 229 -7.68 -39.69 5.71
CA SER D 229 -8.61 -38.59 5.46
C SER D 229 -9.61 -38.41 6.60
N GLN D 230 -10.07 -39.52 7.16
CA GLN D 230 -11.04 -39.48 8.24
C GLN D 230 -10.37 -39.27 9.60
N HIS D 231 -9.11 -39.69 9.70
CA HIS D 231 -8.37 -39.59 10.95
C HIS D 231 -7.79 -38.18 11.16
N ILE D 232 -7.71 -37.42 10.09
CA ILE D 232 -7.16 -36.08 10.16
C ILE D 232 -8.18 -35.05 10.64
N VAL D 233 -9.46 -35.43 10.57
CA VAL D 233 -10.55 -34.52 10.95
C VAL D 233 -10.46 -34.00 12.39
N PRO D 234 -10.34 -34.92 13.37
CA PRO D 234 -10.31 -34.47 14.77
C PRO D 234 -9.10 -33.58 15.07
N LYS D 235 -7.94 -33.98 14.57
CA LYS D 235 -6.72 -33.21 14.77
C LYS D 235 -6.83 -31.83 14.12
N PHE D 236 -7.53 -31.78 12.99
CA PHE D 236 -7.72 -30.53 12.26
C PHE D 236 -8.60 -29.57 13.06
N LYS D 237 -9.77 -30.06 13.47
CA LYS D 237 -10.69 -29.25 14.25
C LYS D 237 -10.02 -28.77 15.53
N ALA D 238 -9.32 -29.68 16.21
CA ALA D 238 -8.61 -29.35 17.44
C ALA D 238 -7.58 -28.25 17.18
N HIS D 239 -6.92 -28.32 16.04
CA HIS D 239 -5.93 -27.33 15.64
C HIS D 239 -6.56 -25.95 15.52
N VAL D 240 -7.60 -25.86 14.69
CA VAL D 240 -8.31 -24.60 14.48
C VAL D 240 -8.75 -24.00 15.82
N ILE D 241 -9.46 -24.79 16.60
CA ILE D 241 -9.94 -24.34 17.91
C ILE D 241 -8.78 -23.83 18.76
N LYS D 242 -7.68 -24.57 18.76
CA LYS D 242 -6.50 -24.19 19.54
C LYS D 242 -5.99 -22.80 19.13
N LYS D 243 -5.78 -22.61 17.84
CA LYS D 243 -5.30 -21.35 17.32
C LYS D 243 -6.24 -20.20 17.69
N LYS D 244 -7.55 -20.45 17.56
CA LYS D 244 -8.55 -19.46 17.91
C LYS D 244 -8.48 -19.09 19.40
N ILE D 245 -8.24 -20.10 20.23
CA ILE D 245 -8.13 -19.88 21.67
C ILE D 245 -6.92 -19.03 22.01
N GLU D 246 -5.76 -19.39 21.46
CA GLU D 246 -4.54 -18.63 21.67
C GLU D 246 -4.72 -17.18 21.26
N GLU D 247 -5.47 -16.97 20.18
CA GLU D 247 -5.73 -15.63 19.67
C GLU D 247 -6.61 -14.83 20.62
N LEU D 248 -7.68 -15.45 21.09
CA LEU D 248 -8.64 -14.78 21.97
C LEU D 248 -8.03 -14.44 23.33
N TYR D 249 -6.90 -15.06 23.64
CA TYR D 249 -6.23 -14.82 24.91
C TYR D 249 -5.23 -13.67 24.81
N HIS D 250 -5.26 -12.97 23.68
CA HIS D 250 -4.34 -11.85 23.45
C HIS D 250 -2.90 -12.31 23.65
N LEU D 251 -2.68 -13.60 23.43
CA LEU D 251 -1.38 -14.22 23.66
C LEU D 251 -0.57 -14.32 22.37
N MET D 252 0.75 -14.42 22.50
CA MET D 252 1.65 -14.53 21.36
C MET D 252 1.64 -13.28 20.50
N SER D 253 1.27 -12.15 21.11
CA SER D 253 1.23 -10.88 20.41
C SER D 253 2.58 -10.18 20.44
N LEU E 9 -3.80 -9.85 12.08
CA LEU E 9 -3.21 -10.66 13.14
C LEU E 9 -4.28 -11.13 14.13
N GLN E 10 -5.52 -10.69 13.92
CA GLN E 10 -6.62 -11.07 14.78
C GLN E 10 -7.87 -11.40 13.96
N PRO E 11 -7.83 -12.54 13.26
CA PRO E 11 -8.95 -12.99 12.40
C PRO E 11 -10.25 -13.14 13.18
N GLU E 12 -10.24 -13.96 14.23
CA GLU E 12 -11.43 -14.20 15.04
C GLU E 12 -12.05 -12.89 15.52
N HIS E 13 -11.21 -11.99 16.01
CA HIS E 13 -11.66 -10.69 16.48
C HIS E 13 -12.45 -9.97 15.38
N GLU E 14 -11.85 -9.86 14.20
CA GLU E 14 -12.50 -9.21 13.07
C GLU E 14 -13.84 -9.88 12.75
N LYS E 15 -13.83 -11.20 12.69
CA LYS E 15 -15.04 -11.96 12.38
C LYS E 15 -16.17 -11.61 13.34
N GLN E 16 -15.93 -11.85 14.63
CA GLN E 16 -16.95 -11.62 15.66
C GLN E 16 -17.40 -10.16 15.70
N ILE E 17 -16.46 -9.24 15.60
CA ILE E 17 -16.78 -7.82 15.59
C ILE E 17 -17.73 -7.50 14.43
N LYS E 18 -17.40 -8.02 13.25
CA LYS E 18 -18.23 -7.80 12.07
C LYS E 18 -19.62 -8.39 12.25
N VAL E 19 -19.69 -9.57 12.87
CA VAL E 19 -20.96 -10.23 13.14
C VAL E 19 -21.82 -9.39 14.06
N LEU E 20 -21.24 -8.89 15.14
CA LEU E 20 -21.96 -8.07 16.09
C LEU E 20 -22.38 -6.74 15.48
N GLN E 21 -21.56 -6.22 14.57
CA GLN E 21 -21.89 -4.98 13.87
C GLN E 21 -23.10 -5.18 12.97
N GLU E 22 -23.05 -6.23 12.16
CA GLU E 22 -24.16 -6.58 11.27
C GLU E 22 -25.44 -6.78 12.08
N GLU E 23 -25.36 -7.63 13.09
CA GLU E 23 -26.51 -7.91 13.95
C GLU E 23 -27.01 -6.64 14.62
N LEU E 24 -26.10 -5.67 14.81
CA LEU E 24 -26.45 -4.40 15.44
C LEU E 24 -27.24 -3.51 14.49
N GLN E 25 -26.79 -3.44 13.24
CA GLN E 25 -27.44 -2.59 12.25
C GLN E 25 -28.64 -3.26 11.60
N THR E 26 -28.90 -4.51 11.96
CA THR E 26 -30.06 -5.22 11.46
C THR E 26 -31.20 -5.19 12.46
N ILE E 27 -31.22 -4.17 13.30
CA ILE E 27 -32.26 -4.00 14.31
C ILE E 27 -33.27 -2.95 13.87
N GLU E 28 -34.56 -3.30 13.94
CA GLU E 28 -35.62 -2.39 13.56
C GLU E 28 -36.13 -1.59 14.75
N TYR E 29 -36.24 -0.28 14.58
CA TYR E 29 -36.71 0.60 15.64
C TYR E 29 -38.07 1.19 15.30
N LYS E 30 -39.10 0.79 16.05
CA LYS E 30 -40.45 1.29 15.83
C LYS E 30 -40.60 2.70 16.40
N SER E 31 -41.26 3.57 15.65
CA SER E 31 -41.44 4.96 16.06
C SER E 31 -42.53 5.09 17.13
N CYS E 32 -42.38 6.08 18.00
CA CYS E 32 -43.38 6.34 19.02
C CYS E 32 -43.38 7.81 19.42
N GLU E 33 -44.58 8.38 19.52
CA GLU E 33 -44.75 9.78 19.87
C GLU E 33 -44.68 10.00 21.38
N ILE E 34 -44.05 9.07 22.09
CA ILE E 34 -43.93 9.17 23.54
C ILE E 34 -42.62 8.57 24.05
N CYS E 35 -41.73 8.20 23.13
CA CYS E 35 -40.46 7.59 23.50
C CYS E 35 -39.30 8.20 22.72
N ASP E 36 -39.58 8.71 21.52
CA ASP E 36 -38.55 9.28 20.68
C ASP E 36 -37.88 10.50 21.31
N ASN E 37 -38.49 11.02 22.37
CA ASN E 37 -37.98 12.21 23.05
C ASN E 37 -36.99 11.89 24.17
N ASP E 38 -37.34 10.96 25.04
CA ASP E 38 -36.49 10.60 26.16
C ASP E 38 -36.63 9.14 26.58
N ILE E 39 -36.11 8.24 25.76
CA ILE E 39 -36.15 6.81 26.07
C ILE E 39 -34.77 6.28 26.44
N GLU E 40 -33.73 6.84 25.82
CA GLU E 40 -32.36 6.43 26.09
C GLU E 40 -31.98 6.74 27.53
N LYS E 41 -32.34 7.93 27.98
CA LYS E 41 -32.10 8.33 29.36
C LYS E 41 -32.78 7.34 30.31
N PHE E 42 -33.96 6.88 29.91
CA PHE E 42 -34.70 5.90 30.70
C PHE E 42 -33.91 4.59 30.81
N LEU E 43 -33.30 4.18 29.70
CA LEU E 43 -32.49 2.97 29.68
C LEU E 43 -31.28 3.11 30.59
N GLU E 44 -30.54 4.21 30.42
CA GLU E 44 -29.36 4.48 31.23
C GLU E 44 -29.70 4.48 32.73
N LEU E 45 -30.65 5.34 33.11
CA LEU E 45 -31.04 5.46 34.51
C LEU E 45 -31.61 4.15 35.06
N MET E 46 -32.23 3.36 34.19
CA MET E 46 -32.76 2.06 34.59
C MET E 46 -31.63 1.11 34.94
N LEU E 47 -30.66 1.01 34.04
CA LEU E 47 -29.48 0.18 34.27
C LEU E 47 -28.76 0.63 35.54
N ALA E 48 -28.75 1.94 35.76
CA ALA E 48 -28.15 2.50 36.97
C ALA E 48 -28.92 2.02 38.20
N TYR E 49 -30.24 1.98 38.08
CA TYR E 49 -31.10 1.49 39.16
C TYR E 49 -30.76 0.04 39.47
N LYS E 50 -30.69 -0.79 38.43
CA LYS E 50 -30.32 -2.19 38.58
C LYS E 50 -28.98 -2.32 39.30
N GLU E 51 -27.95 -1.65 38.78
CA GLU E 51 -26.63 -1.69 39.39
C GLU E 51 -26.68 -1.32 40.87
N ALA E 52 -27.42 -0.25 41.17
CA ALA E 52 -27.59 0.19 42.55
C ALA E 52 -28.19 -0.91 43.41
N THR E 53 -29.18 -1.61 42.86
CA THR E 53 -29.83 -2.71 43.56
C THR E 53 -28.85 -3.85 43.83
N VAL E 54 -28.04 -4.17 42.82
CA VAL E 54 -27.04 -5.21 42.94
C VAL E 54 -26.05 -4.89 44.06
N ASN E 55 -25.46 -3.71 43.99
CA ASN E 55 -24.54 -3.27 45.04
C ASN E 55 -25.21 -3.30 46.41
N LEU E 56 -26.48 -2.90 46.43
CA LEU E 56 -27.27 -2.91 47.67
C LEU E 56 -27.33 -4.31 48.26
N MET E 57 -27.63 -5.30 47.43
CA MET E 57 -27.72 -6.68 47.87
C MET E 57 -26.35 -7.21 48.29
N GLN E 58 -25.31 -6.78 47.60
CA GLN E 58 -23.95 -7.17 47.92
C GLN E 58 -23.55 -6.65 49.29
N GLU E 59 -24.04 -5.47 49.64
CA GLU E 59 -23.73 -4.86 50.92
C GLU E 59 -24.62 -5.41 52.03
N MET E 60 -25.81 -5.88 51.65
CA MET E 60 -26.77 -6.40 52.60
C MET E 60 -26.42 -7.82 53.07
N VAL E 61 -25.92 -8.63 52.14
CA VAL E 61 -25.58 -10.01 52.44
C VAL E 61 -24.46 -10.09 53.47
N LYS E 62 -23.74 -9.00 53.65
CA LYS E 62 -22.64 -8.94 54.62
C LYS E 62 -23.15 -9.06 56.06
N SER E 63 -24.10 -8.20 56.41
CA SER E 63 -24.66 -8.21 57.76
C SER E 63 -25.68 -9.33 57.91
N PRO E 64 -25.55 -10.12 58.98
CA PRO E 64 -26.46 -11.25 59.26
C PRO E 64 -27.91 -10.81 59.35
N SER E 65 -28.14 -9.50 59.54
CA SER E 65 -29.48 -8.96 59.63
C SER E 65 -30.32 -9.31 58.40
N ILE E 66 -29.64 -9.66 57.32
CA ILE E 66 -30.33 -10.05 56.08
C ILE E 66 -31.24 -11.25 56.31
N LEU E 67 -30.85 -12.12 57.24
CA LEU E 67 -31.66 -13.28 57.58
C LEU E 67 -33.01 -12.87 58.14
N HIS E 68 -33.05 -11.72 58.81
CA HIS E 68 -34.28 -11.19 59.37
C HIS E 68 -35.11 -10.50 58.30
N ILE E 69 -34.49 -10.26 57.15
CA ILE E 69 -35.17 -9.63 56.02
C ILE E 69 -35.68 -10.68 55.05
N LEU E 70 -34.93 -11.78 54.93
CA LEU E 70 -35.32 -12.87 54.04
C LEU E 70 -35.75 -14.10 54.85
N LYS E 71 -36.50 -13.86 55.92
CA LYS E 71 -37.00 -14.95 56.76
C LYS E 71 -37.88 -15.90 55.95
N GLU E 72 -37.91 -17.16 56.35
CA GLU E 72 -38.67 -18.19 55.64
C GLU E 72 -40.07 -17.72 55.29
N GLY E 73 -40.43 -17.84 54.01
CA GLY E 73 -41.73 -17.41 53.54
C GLY E 73 -41.74 -15.95 53.11
N ARG E 74 -40.63 -15.52 52.52
CA ARG E 74 -40.50 -14.14 52.07
C ARG E 74 -40.71 -14.02 50.57
N LEU E 75 -41.79 -13.34 50.18
CA LEU E 75 -42.09 -13.13 48.77
C LEU E 75 -41.12 -12.14 48.14
N VAL E 76 -40.40 -12.58 47.12
CA VAL E 76 -39.42 -11.74 46.44
C VAL E 76 -39.46 -11.94 44.93
N ALA E 77 -38.92 -10.96 44.20
CA ALA E 77 -38.85 -11.01 42.75
C ALA E 77 -37.40 -11.05 42.28
N PHE E 78 -36.97 -12.20 41.76
CA PHE E 78 -35.60 -12.37 41.30
C PHE E 78 -35.54 -12.51 39.78
N ARG E 79 -34.34 -12.74 39.26
CA ARG E 79 -34.16 -12.92 37.83
C ARG E 79 -33.31 -14.14 37.49
N ASP E 80 -33.81 -14.96 36.56
CA ASP E 80 -33.08 -16.12 36.09
C ASP E 80 -31.98 -15.68 35.12
N PRO E 81 -31.06 -16.60 34.77
CA PRO E 81 -29.97 -16.28 33.85
C PRO E 81 -30.44 -15.66 32.55
N ASN E 82 -31.72 -15.76 32.24
CA ASN E 82 -32.28 -15.23 31.01
C ASN E 82 -32.87 -13.83 31.17
N ASP E 83 -32.54 -13.18 32.28
CA ASP E 83 -33.02 -11.83 32.56
C ASP E 83 -34.55 -11.77 32.58
N CYS E 84 -35.17 -12.79 33.15
CA CYS E 84 -36.62 -12.83 33.31
C CYS E 84 -37.00 -12.67 34.77
N LEU E 85 -38.07 -11.92 35.03
CA LEU E 85 -38.50 -11.65 36.39
C LEU E 85 -39.44 -12.74 36.90
N LYS E 86 -39.13 -13.28 38.08
CA LYS E 86 -39.94 -14.32 38.69
C LYS E 86 -40.27 -14.00 40.14
N LEU E 87 -41.41 -14.48 40.61
CA LEU E 87 -41.81 -14.29 42.00
C LEU E 87 -41.71 -15.61 42.76
N GLY E 88 -41.18 -15.55 43.98
CA GLY E 88 -41.03 -16.76 44.78
C GLY E 88 -40.98 -16.50 46.27
N PHE E 89 -40.80 -17.57 47.04
CA PHE E 89 -40.69 -17.45 48.49
C PHE E 89 -39.31 -17.89 48.97
N VAL E 90 -38.75 -17.17 49.93
CA VAL E 90 -37.44 -17.50 50.47
C VAL E 90 -37.51 -18.73 51.38
N PHE E 91 -36.80 -19.78 51.00
CA PHE E 91 -36.80 -21.03 51.76
C PHE E 91 -35.56 -21.14 52.65
N LYS E 92 -34.39 -20.88 52.07
CA LYS E 92 -33.14 -20.94 52.82
C LYS E 92 -32.14 -19.91 52.32
N VAL E 93 -31.26 -19.46 53.22
CA VAL E 93 -30.26 -18.46 52.87
C VAL E 93 -28.86 -18.88 53.32
N SER E 94 -27.89 -18.75 52.42
CA SER E 94 -26.51 -19.10 52.74
C SER E 94 -25.60 -17.87 52.67
N LEU E 95 -25.00 -17.52 53.79
CA LEU E 95 -24.13 -16.35 53.86
C LEU E 95 -22.75 -16.63 53.28
N LYS E 96 -22.27 -17.86 53.47
CA LYS E 96 -20.94 -18.24 53.00
C LYS E 96 -20.86 -18.26 51.47
N ASP E 97 -21.97 -18.63 50.84
CA ASP E 97 -22.00 -18.73 49.38
C ASP E 97 -22.81 -17.59 48.75
N ALA E 98 -23.45 -16.80 49.59
CA ALA E 98 -24.27 -15.67 49.12
C ALA E 98 -25.32 -16.13 48.11
N VAL E 99 -25.97 -17.24 48.41
CA VAL E 99 -27.03 -17.78 47.56
C VAL E 99 -28.29 -18.04 48.35
N CYS E 100 -29.44 -17.99 47.68
CA CYS E 100 -30.72 -18.22 48.34
C CYS E 100 -31.54 -19.29 47.63
N VAL E 101 -32.11 -20.20 48.42
CA VAL E 101 -32.97 -21.23 47.87
C VAL E 101 -34.42 -20.74 47.84
N ILE E 102 -34.84 -20.26 46.67
CA ILE E 102 -36.18 -19.72 46.51
C ILE E 102 -37.12 -20.73 45.86
N MET E 103 -38.34 -20.81 46.38
CA MET E 103 -39.39 -21.63 45.79
C MET E 103 -40.20 -20.76 44.82
N THR E 104 -40.05 -21.04 43.53
CA THR E 104 -40.70 -20.25 42.50
C THR E 104 -42.09 -20.77 42.18
N PHE E 105 -43.08 -19.87 42.16
CA PHE E 105 -44.45 -20.24 41.85
C PHE E 105 -44.95 -19.48 40.63
N THR E 106 -44.02 -18.97 39.82
CA THR E 106 -44.38 -18.18 38.66
C THR E 106 -43.42 -18.43 37.49
N LYS E 107 -43.98 -18.62 36.30
CA LYS E 107 -43.18 -18.80 35.09
C LYS E 107 -42.43 -17.53 34.75
N PRO E 108 -41.28 -17.67 34.08
CA PRO E 108 -40.47 -16.50 33.69
C PRO E 108 -41.28 -15.51 32.86
N TYR E 109 -41.48 -14.31 33.39
CA TYR E 109 -42.30 -13.30 32.72
C TYR E 109 -41.73 -12.95 31.35
N LYS E 110 -42.53 -13.14 30.31
CA LYS E 110 -42.12 -12.84 28.95
C LYS E 110 -43.21 -12.08 28.19
N LEU E 111 -42.80 -11.25 27.25
CA LEU E 111 -43.74 -10.48 26.44
C LEU E 111 -44.50 -11.40 25.48
N PRO E 112 -45.63 -10.91 24.95
CA PRO E 112 -46.40 -11.67 23.95
C PRO E 112 -45.50 -12.15 22.82
N ASN E 113 -44.47 -11.35 22.51
CA ASN E 113 -43.50 -11.71 21.49
C ASN E 113 -42.82 -13.03 21.84
N GLY E 114 -42.44 -13.18 23.11
CA GLY E 114 -41.75 -14.37 23.57
C GLY E 114 -40.43 -14.01 24.24
N GLU E 115 -39.87 -12.87 23.86
CA GLU E 115 -38.62 -12.38 24.43
C GLU E 115 -38.81 -11.95 25.88
N PRO E 116 -37.74 -12.04 26.68
CA PRO E 116 -37.79 -11.69 28.10
C PRO E 116 -38.04 -10.21 28.33
N ASN E 117 -38.78 -9.90 29.40
CA ASN E 117 -39.04 -8.51 29.77
C ASN E 117 -37.88 -7.92 30.55
N HIS E 118 -37.30 -6.83 30.04
CA HIS E 118 -36.12 -6.24 30.65
C HIS E 118 -36.45 -5.05 31.54
N LEU E 119 -37.74 -4.79 31.73
CA LEU E 119 -38.18 -3.68 32.57
C LEU E 119 -38.04 -4.00 34.05
N ILE E 120 -37.52 -3.05 34.81
CA ILE E 120 -37.37 -3.21 36.25
C ILE E 120 -38.70 -2.99 36.96
N TYR E 121 -39.01 -3.85 37.92
CA TYR E 121 -40.25 -3.75 38.67
C TYR E 121 -40.15 -2.68 39.74
N PHE E 122 -40.96 -1.62 39.60
CA PHE E 122 -40.94 -0.51 40.55
C PHE E 122 -42.09 -0.61 41.55
N PRO E 123 -41.78 -0.89 42.82
CA PRO E 123 -42.77 -0.99 43.89
C PRO E 123 -43.58 0.29 44.06
N LYS E 124 -44.81 0.16 44.53
CA LYS E 124 -45.68 1.31 44.77
C LYS E 124 -45.90 2.12 43.49
N ALA E 125 -46.03 1.43 42.36
CA ALA E 125 -46.28 2.08 41.08
C ALA E 125 -47.37 1.36 40.31
N ASP E 126 -48.63 1.64 40.66
CA ASP E 126 -49.77 0.98 40.04
C ASP E 126 -49.86 1.24 38.54
N GLY E 127 -49.55 2.47 38.14
CA GLY E 127 -49.58 2.83 36.73
C GLY E 127 -48.55 2.04 35.93
N TYR E 128 -47.28 2.21 36.30
CA TYR E 128 -46.19 1.50 35.65
C TYR E 128 -46.44 0.00 35.65
N ARG E 129 -47.01 -0.50 36.75
CA ARG E 129 -47.37 -1.90 36.87
C ARG E 129 -48.37 -2.32 35.80
N ARG E 130 -49.53 -1.67 35.80
CA ARG E 130 -50.59 -1.97 34.84
C ARG E 130 -50.12 -1.84 33.41
N ARG E 131 -49.18 -0.92 33.16
CA ARG E 131 -48.70 -0.66 31.81
C ARG E 131 -47.65 -1.67 31.35
N ASN E 132 -46.83 -2.16 32.26
CA ASN E 132 -45.75 -3.06 31.91
C ASN E 132 -45.90 -4.48 32.47
N PHE E 133 -46.43 -4.58 33.69
CA PHE E 133 -46.63 -5.88 34.33
C PHE E 133 -48.09 -6.09 34.70
N PRO E 134 -48.94 -6.41 33.71
CA PRO E 134 -50.37 -6.65 33.93
C PRO E 134 -50.63 -7.84 34.86
N LYS E 135 -49.97 -8.97 34.61
CA LYS E 135 -50.19 -10.16 35.43
C LYS E 135 -49.12 -11.23 35.22
N PHE E 136 -48.80 -11.95 36.29
CA PHE E 136 -47.88 -13.08 36.22
C PHE E 136 -48.66 -14.38 36.10
N GLN E 137 -48.05 -15.38 35.47
CA GLN E 137 -48.70 -16.68 35.31
C GLN E 137 -48.17 -17.69 36.32
N LYS E 138 -49.09 -18.36 37.00
CA LYS E 138 -48.73 -19.34 38.03
C LYS E 138 -48.19 -20.63 37.42
N THR E 139 -47.26 -21.27 38.14
CA THR E 139 -46.68 -22.53 37.70
C THR E 139 -46.38 -23.42 38.90
N ASP E 140 -46.49 -24.73 38.71
CA ASP E 140 -46.20 -25.68 39.78
C ASP E 140 -44.88 -25.35 40.44
N PHE E 141 -44.93 -25.03 41.74
CA PHE E 141 -43.76 -24.59 42.48
C PHE E 141 -42.59 -25.57 42.33
N TYR E 142 -41.39 -25.00 42.23
CA TYR E 142 -40.17 -25.80 42.11
C TYR E 142 -38.99 -25.08 42.75
N MET E 143 -38.26 -25.79 43.60
CA MET E 143 -37.12 -25.21 44.30
C MET E 143 -36.00 -24.82 43.34
N GLU E 144 -35.45 -23.64 43.53
CA GLU E 144 -34.37 -23.14 42.67
C GLU E 144 -33.40 -22.27 43.45
N GLU E 145 -32.11 -22.46 43.23
CA GLU E 145 -31.10 -21.65 43.89
C GLU E 145 -30.76 -20.43 43.04
N VAL E 146 -30.67 -19.27 43.68
CA VAL E 146 -30.39 -18.02 42.98
C VAL E 146 -29.54 -17.08 43.83
N PRO E 147 -28.50 -16.49 43.21
CA PRO E 147 -27.62 -15.54 43.89
C PRO E 147 -28.41 -14.39 44.51
N VAL E 148 -27.94 -13.88 45.64
CA VAL E 148 -28.61 -12.81 46.36
C VAL E 148 -28.68 -11.54 45.51
N THR E 149 -27.69 -11.34 44.66
CA THR E 149 -27.60 -10.14 43.84
C THR E 149 -28.73 -10.05 42.81
N ALA E 150 -29.33 -11.19 42.50
CA ALA E 150 -30.38 -11.26 41.49
C ALA E 150 -31.68 -10.64 41.98
N ILE E 151 -31.93 -10.72 43.28
CA ILE E 151 -33.16 -10.18 43.87
C ILE E 151 -33.28 -8.69 43.60
N GLU E 152 -34.45 -8.27 43.11
CA GLU E 152 -34.70 -6.87 42.80
C GLU E 152 -35.70 -6.24 43.76
N VAL E 153 -36.75 -6.99 44.10
CA VAL E 153 -37.81 -6.47 44.96
C VAL E 153 -38.08 -7.36 46.16
N ILE E 154 -38.26 -6.73 47.32
CA ILE E 154 -38.58 -7.45 48.56
C ILE E 154 -39.92 -6.99 49.10
N THR E 155 -40.94 -7.81 48.92
CA THR E 155 -42.29 -7.48 49.37
C THR E 155 -42.45 -7.67 50.88
N LYS E 156 -43.23 -6.80 51.50
CA LYS E 156 -43.45 -6.87 52.95
C LYS E 156 -44.26 -8.11 53.31
N ARG E 157 -45.13 -8.54 52.40
CA ARG E 157 -45.96 -9.71 52.61
C ARG E 157 -45.11 -10.97 52.84
N LYS E 158 -45.55 -11.81 53.75
CA LYS E 158 -44.83 -13.05 54.07
C LYS E 158 -45.79 -14.23 54.21
N PHE E 159 -45.28 -15.43 53.96
CA PHE E 159 -46.08 -16.64 54.05
C PHE E 159 -45.86 -17.32 55.40
N ALA E 160 -46.92 -17.35 56.22
CA ALA E 160 -46.83 -17.88 57.57
C ALA E 160 -46.54 -19.37 57.60
N ALA E 161 -47.36 -20.15 56.91
CA ALA E 161 -47.22 -21.60 56.91
C ALA E 161 -45.83 -22.04 56.47
N PRO E 162 -45.23 -22.99 57.22
CA PRO E 162 -43.90 -23.52 56.93
C PRO E 162 -43.84 -24.14 55.53
N LEU E 163 -42.80 -23.79 54.77
CA LEU E 163 -42.64 -24.31 53.42
C LEU E 163 -42.32 -25.79 53.42
N GLY E 164 -41.79 -26.28 54.53
CA GLY E 164 -41.46 -27.69 54.66
C GLY E 164 -42.65 -28.60 54.45
N LYS E 165 -43.81 -28.14 54.91
CA LYS E 165 -45.05 -28.91 54.75
C LYS E 165 -45.57 -28.83 53.32
N VAL E 166 -45.37 -27.68 52.68
CA VAL E 166 -45.81 -27.48 51.31
C VAL E 166 -45.00 -28.34 50.35
N ILE E 167 -43.69 -28.42 50.59
CA ILE E 167 -42.80 -29.22 49.76
C ILE E 167 -43.18 -30.70 49.81
N LYS E 168 -43.70 -31.13 50.95
CA LYS E 168 -44.10 -32.52 51.13
C LYS E 168 -45.49 -32.77 50.54
N LYS E 169 -46.05 -31.73 49.94
CA LYS E 169 -47.38 -31.81 49.31
C LYS E 169 -48.47 -32.15 50.31
N ASP E 170 -48.50 -31.44 51.43
CA ASP E 170 -49.53 -31.62 52.45
C ASP E 170 -50.78 -30.82 52.10
N VAL E 171 -51.93 -31.50 52.08
CA VAL E 171 -53.18 -30.86 51.69
C VAL E 171 -53.41 -29.54 52.43
N ALA E 172 -53.36 -29.59 53.75
CA ALA E 172 -53.58 -28.40 54.58
C ALA E 172 -52.64 -27.26 54.18
N ALA E 173 -51.40 -27.61 53.87
CA ALA E 173 -50.41 -26.61 53.47
C ALA E 173 -50.63 -26.13 52.05
N LEU E 174 -50.95 -27.06 51.16
CA LEU E 174 -51.19 -26.73 49.76
C LEU E 174 -52.38 -25.80 49.58
N ASN E 175 -53.38 -25.95 50.45
CA ASN E 175 -54.54 -25.08 50.41
C ASN E 175 -54.15 -23.62 50.67
N GLU E 176 -53.40 -23.41 51.75
CA GLU E 176 -52.95 -22.07 52.11
C GLU E 176 -51.97 -21.51 51.08
N PHE E 177 -51.11 -22.37 50.55
CA PHE E 177 -50.14 -21.97 49.55
C PHE E 177 -50.83 -21.50 48.26
N ASN E 178 -51.75 -22.32 47.76
CA ASN E 178 -52.48 -21.98 46.55
C ASN E 178 -53.37 -20.75 46.75
N ALA E 179 -54.05 -20.70 47.88
CA ALA E 179 -54.92 -19.56 48.19
C ALA E 179 -54.12 -18.26 48.24
N GLU E 180 -52.97 -18.31 48.92
CA GLU E 180 -52.10 -17.15 49.05
C GLU E 180 -51.55 -16.72 47.69
N THR E 181 -51.06 -17.69 46.94
CA THR E 181 -50.52 -17.44 45.61
C THR E 181 -51.55 -16.75 44.71
N ASN E 182 -52.71 -17.39 44.57
CA ASN E 182 -53.80 -16.82 43.78
C ASN E 182 -54.20 -15.44 44.27
N ASN E 183 -54.18 -15.27 45.60
CA ASN E 183 -54.47 -13.96 46.19
C ASN E 183 -53.50 -12.91 45.68
N ILE E 184 -52.21 -13.27 45.66
CA ILE E 184 -51.18 -12.37 45.18
C ILE E 184 -51.36 -12.04 43.70
N LEU E 185 -51.40 -13.08 42.86
CA LEU E 185 -51.47 -12.89 41.42
C LEU E 185 -52.72 -12.15 40.96
N ASP E 186 -53.86 -12.52 41.53
CA ASP E 186 -55.14 -11.91 41.15
C ASP E 186 -55.10 -10.38 41.30
N GLY E 187 -54.80 -9.92 42.50
CA GLY E 187 -54.68 -8.50 42.78
C GLY E 187 -53.38 -8.20 43.49
N LYS E 188 -52.46 -7.52 42.82
CA LYS E 188 -51.13 -7.30 43.38
C LYS E 188 -50.60 -5.87 43.22
N THR E 189 -49.94 -5.39 44.26
CA THR E 189 -49.19 -4.14 44.19
C THR E 189 -48.02 -4.24 45.17
N LEU E 190 -46.90 -4.73 44.66
CA LEU E 190 -45.74 -5.03 45.48
C LEU E 190 -45.12 -3.79 46.10
N LYS E 191 -45.24 -3.66 47.42
CA LYS E 191 -44.66 -2.54 48.14
C LYS E 191 -43.39 -2.99 48.87
N GLU E 192 -42.26 -2.43 48.47
CA GLU E 192 -40.97 -2.81 49.05
C GLU E 192 -40.61 -1.92 50.24
N ALA E 193 -40.42 -2.54 51.40
CA ALA E 193 -40.05 -1.81 52.61
C ALA E 193 -38.92 -2.54 53.34
N ILE E 194 -37.76 -1.89 53.43
CA ILE E 194 -36.60 -2.50 54.08
C ILE E 194 -36.14 -1.68 55.28
N ASN E 195 -36.13 -2.33 56.45
CA ASN E 195 -35.67 -1.67 57.67
C ASN E 195 -34.15 -1.72 57.79
N ILE E 196 -33.48 -0.93 56.97
CA ILE E 196 -32.02 -0.90 56.95
C ILE E 196 -31.45 -0.03 58.06
N GLU E 197 -32.32 0.51 58.90
CA GLU E 197 -31.90 1.37 59.99
C GLU E 197 -31.22 0.57 61.09
N LYS E 198 -31.40 -0.75 61.06
CA LYS E 198 -30.80 -1.63 62.06
C LYS E 198 -29.28 -1.54 62.04
N GLN E 199 -28.70 -1.74 60.87
CA GLN E 199 -27.25 -1.68 60.72
C GLN E 199 -26.84 -1.29 59.30
N GLY E 200 -25.58 -0.91 59.14
CA GLY E 200 -25.07 -0.52 57.84
C GLY E 200 -24.97 0.99 57.68
N LEU E 201 -23.96 1.44 56.95
CA LEU E 201 -23.76 2.86 56.71
C LEU E 201 -23.85 3.17 55.22
N LYS E 202 -23.27 2.32 54.40
CA LYS E 202 -23.30 2.50 52.96
C LYS E 202 -24.68 2.16 52.39
N ILE E 203 -25.40 1.28 53.10
CA ILE E 203 -26.73 0.88 52.68
C ILE E 203 -27.66 2.09 52.49
N HIS E 204 -27.67 2.97 53.48
CA HIS E 204 -28.51 4.16 53.43
C HIS E 204 -28.13 5.05 52.25
N GLN E 205 -26.84 5.16 51.99
CA GLN E 205 -26.35 5.95 50.87
C GLN E 205 -26.84 5.38 49.54
N ILE E 206 -26.70 4.08 49.38
CA ILE E 206 -27.15 3.39 48.17
C ILE E 206 -28.66 3.55 47.99
N LEU E 207 -29.39 3.48 49.10
CA LEU E 207 -30.84 3.67 49.08
C LEU E 207 -31.21 5.06 48.62
N LEU E 208 -30.55 6.06 49.18
CA LEU E 208 -30.81 7.45 48.80
C LEU E 208 -30.50 7.68 47.32
N ASP E 209 -29.35 7.19 46.88
CA ASP E 209 -28.94 7.32 45.49
C ASP E 209 -29.96 6.67 44.55
N ARG E 210 -30.40 5.46 44.90
CA ARG E 210 -31.35 4.74 44.09
C ARG E 210 -32.70 5.46 44.03
N THR E 211 -33.14 5.97 45.18
CA THR E 211 -34.39 6.72 45.24
C THR E 211 -34.29 7.99 44.41
N ASN E 212 -33.09 8.56 44.33
CA ASN E 212 -32.85 9.70 43.48
C ASN E 212 -32.96 9.32 42.01
N ILE E 213 -32.33 8.20 41.65
CA ILE E 213 -32.40 7.68 40.29
C ILE E 213 -33.85 7.43 39.88
N ARG E 214 -34.66 6.98 40.85
CA ARG E 214 -36.07 6.72 40.58
C ARG E 214 -36.85 8.02 40.43
N ASP E 215 -36.62 8.97 41.33
CA ASP E 215 -37.27 10.27 41.26
C ASP E 215 -36.96 10.95 39.94
N GLU E 216 -35.78 10.67 39.39
CA GLU E 216 -35.37 11.26 38.12
C GLU E 216 -35.91 10.47 36.93
N ILE E 217 -36.08 9.16 37.12
CA ILE E 217 -36.53 8.29 36.03
C ILE E 217 -38.03 8.41 35.78
N PHE E 218 -38.80 8.66 36.83
CA PHE E 218 -40.25 8.83 36.71
C PHE E 218 -40.60 10.19 36.12
N LYS E 219 -39.62 11.09 36.10
CA LYS E 219 -39.82 12.42 35.56
C LYS E 219 -39.93 12.40 34.04
N LEU E 220 -39.38 11.35 33.42
CA LEU E 220 -39.42 11.22 31.97
C LEU E 220 -40.84 10.99 31.47
N LYS E 221 -41.00 10.95 30.15
CA LYS E 221 -42.31 10.75 29.54
C LYS E 221 -42.48 9.33 29.04
N SER E 222 -41.37 8.65 28.78
CA SER E 222 -41.39 7.28 28.31
C SER E 222 -41.94 6.33 29.36
N ILE E 223 -41.89 6.76 30.62
CA ILE E 223 -42.35 5.95 31.74
C ILE E 223 -43.88 5.76 31.69
N LYS E 224 -44.57 6.73 31.10
CA LYS E 224 -46.02 6.70 31.06
C LYS E 224 -46.55 5.93 29.85
N CYS E 225 -45.64 5.50 28.98
CA CYS E 225 -46.03 4.76 27.78
C CYS E 225 -46.48 3.34 28.10
N PRO E 226 -47.63 2.95 27.55
CA PRO E 226 -48.19 1.59 27.74
C PRO E 226 -47.35 0.52 27.07
N ASN E 227 -46.76 0.84 25.92
CA ASN E 227 -45.98 -0.13 25.15
C ASN E 227 -44.48 -0.02 25.37
N LEU E 228 -44.08 0.67 26.45
CA LEU E 228 -42.68 0.82 26.78
C LEU E 228 -41.99 -0.54 26.87
N SER E 229 -42.69 -1.50 27.45
CA SER E 229 -42.15 -2.84 27.66
C SER E 229 -41.68 -3.48 26.37
N GLN E 230 -42.36 -3.18 25.27
CA GLN E 230 -42.02 -3.74 23.97
C GLN E 230 -41.26 -2.73 23.11
N HIS E 231 -41.07 -1.53 23.66
CA HIS E 231 -40.36 -0.47 22.94
C HIS E 231 -38.91 -0.36 23.35
N ILE E 232 -38.60 -0.80 24.56
CA ILE E 232 -37.24 -0.71 25.08
C ILE E 232 -36.39 -1.88 24.60
N VAL E 233 -37.03 -2.87 23.98
CA VAL E 233 -36.33 -4.07 23.51
C VAL E 233 -35.17 -3.77 22.56
N PRO E 234 -35.44 -3.03 21.48
CA PRO E 234 -34.38 -2.74 20.50
C PRO E 234 -33.23 -1.95 21.12
N LYS E 235 -33.56 -0.99 21.99
CA LYS E 235 -32.55 -0.19 22.66
C LYS E 235 -31.69 -1.06 23.57
N PHE E 236 -32.33 -2.00 24.25
CA PHE E 236 -31.62 -2.90 25.15
C PHE E 236 -30.65 -3.78 24.37
N LYS E 237 -31.13 -4.41 23.32
CA LYS E 237 -30.30 -5.25 22.46
C LYS E 237 -29.13 -4.44 21.91
N ALA E 238 -29.41 -3.22 21.50
CA ALA E 238 -28.38 -2.33 20.97
C ALA E 238 -27.32 -2.06 22.02
N HIS E 239 -27.75 -1.88 23.26
CA HIS E 239 -26.83 -1.65 24.37
C HIS E 239 -25.90 -2.84 24.57
N VAL E 240 -26.47 -4.03 24.66
CA VAL E 240 -25.70 -5.25 24.84
C VAL E 240 -24.66 -5.40 23.73
N ILE E 241 -25.13 -5.38 22.48
CA ILE E 241 -24.25 -5.51 21.33
C ILE E 241 -23.15 -4.46 21.35
N LYS E 242 -23.52 -3.22 21.65
CA LYS E 242 -22.57 -2.12 21.70
C LYS E 242 -21.44 -2.41 22.68
N LYS E 243 -21.82 -2.73 23.92
CA LYS E 243 -20.84 -3.03 24.97
C LYS E 243 -19.93 -4.18 24.57
N LYS E 244 -20.53 -5.21 23.96
CA LYS E 244 -19.77 -6.37 23.51
C LYS E 244 -18.75 -5.99 22.43
N ILE E 245 -19.17 -5.13 21.51
CA ILE E 245 -18.29 -4.69 20.43
C ILE E 245 -17.12 -3.88 20.98
N GLU E 246 -17.42 -2.88 21.81
CA GLU E 246 -16.38 -2.06 22.42
C GLU E 246 -15.38 -2.91 23.18
N GLU E 247 -15.88 -3.95 23.85
CA GLU E 247 -15.03 -4.88 24.58
C GLU E 247 -14.13 -5.66 23.63
N LEU E 248 -14.69 -6.07 22.49
CA LEU E 248 -13.95 -6.85 21.51
C LEU E 248 -12.91 -6.02 20.76
N TYR E 249 -13.02 -4.70 20.86
CA TYR E 249 -12.06 -3.81 20.23
C TYR E 249 -10.91 -3.47 21.15
N HIS E 250 -10.87 -4.14 22.31
CA HIS E 250 -9.79 -3.95 23.27
C HIS E 250 -9.67 -2.49 23.72
N LEU E 251 -10.72 -1.72 23.48
CA LEU E 251 -10.74 -0.31 23.86
C LEU E 251 -11.22 -0.12 25.29
N MET E 252 -10.29 -0.17 26.24
CA MET E 252 -10.63 -0.02 27.64
C MET E 252 -10.97 1.43 27.98
N SER E 253 -12.12 1.62 28.63
CA SER E 253 -12.56 2.95 29.01
C SER E 253 -13.67 2.88 30.06
#